data_1K8Q
#
_entry.id   1K8Q
#
_cell.length_a   61.209
_cell.length_b   164.498
_cell.length_c   177.156
_cell.angle_alpha   90.00
_cell.angle_beta   90.00
_cell.angle_gamma   90.00
#
_symmetry.space_group_name_H-M   'C 2 2 21'
#
loop_
_entity.id
_entity.type
_entity.pdbx_description
1 polymer 'Triacylglycerol lipase, gastric'
2 non-polymer 2-acetamido-2-deoxy-beta-D-glucopyranose
3 non-polymer 'octyl beta-D-glucopyranoside'
4 non-polymer 'UNDECYL-PHOSPHINIC ACID BUTYL ESTER'
5 water water
#
_entity_poly.entity_id   1
_entity_poly.type   'polypeptide(L)'
_entity_poly.pdbx_seq_one_letter_code
;AFGKLHPTNPEVTMNISQMITYWGYPAEEYEVVTEDGYILGIDRIPYGRKNSENIGRRPVAFLQHGLLASATNWISNLPN
NSLAFILADAGYDVWLGNSRGNTWARRNLYYSPDSVEFWAFSFDEMAKYDLPATIDFILKKTGQDKLHYVGHSQGTTIGF
IAFSTNPKLAKRIKTFYALAPVATVKYTETLINKLMLVPSFLFKLIFGNKIFYPHHFFDQFLATEVCSRETVDLLCSNAL
FIICGFDTMNLNMSRLDVYLSHNPAGTSVQNVLHWSQAVKSGKFQAFDWGSPVQNMMHYHQSMPPYYNLTDMHVPIAVWN
GGNDLLADPHDVDLLLSKLPNLIYHRKIPPYNHLDFIWAMDAPQAVYNEIVSMMGTD
;
_entity_poly.pdbx_strand_id   A,B
#
# COMPACT_ATOMS: atom_id res chain seq x y z
N ALA A 1 -16.59 18.42 -42.89
CA ALA A 1 -15.26 17.80 -42.56
C ALA A 1 -15.26 17.15 -41.16
N PHE A 2 -14.99 17.94 -40.13
CA PHE A 2 -14.97 17.46 -38.75
C PHE A 2 -14.08 16.25 -38.54
N GLY A 3 -12.82 16.34 -38.94
CA GLY A 3 -11.92 15.22 -38.76
C GLY A 3 -11.28 15.23 -37.38
N LYS A 4 -10.83 14.06 -36.91
CA LYS A 4 -10.19 13.98 -35.61
C LYS A 4 -8.94 14.85 -35.52
N LEU A 5 -9.01 15.85 -34.64
CA LEU A 5 -7.91 16.78 -34.44
C LEU A 5 -6.65 16.10 -33.90
N HIS A 6 -6.83 15.02 -33.15
CA HIS A 6 -5.71 14.30 -32.56
C HIS A 6 -6.09 12.85 -32.23
N PRO A 7 -5.10 11.95 -32.18
CA PRO A 7 -5.41 10.56 -31.87
C PRO A 7 -5.86 10.51 -30.40
N THR A 8 -6.84 9.67 -30.10
CA THR A 8 -7.39 9.56 -28.74
C THR A 8 -6.33 9.47 -27.64
N ASN A 9 -6.41 10.39 -26.69
CA ASN A 9 -5.47 10.43 -25.59
C ASN A 9 -5.62 9.16 -24.76
N PRO A 10 -4.50 8.53 -24.39
CA PRO A 10 -4.55 7.30 -23.60
C PRO A 10 -5.32 7.42 -22.27
N GLU A 11 -5.22 8.58 -21.62
CA GLU A 11 -5.90 8.79 -20.35
C GLU A 11 -7.42 8.60 -20.42
N VAL A 12 -7.99 8.71 -21.61
CA VAL A 12 -9.43 8.57 -21.80
C VAL A 12 -10.01 7.26 -21.23
N THR A 13 -9.21 6.21 -21.22
CA THR A 13 -9.70 4.93 -20.74
C THR A 13 -9.01 4.42 -19.47
N MET A 14 -8.17 5.26 -18.86
CA MET A 14 -7.47 4.86 -17.65
C MET A 14 -8.23 5.29 -16.40
N ASN A 15 -8.08 4.52 -15.32
CA ASN A 15 -8.72 4.89 -14.06
C ASN A 15 -7.67 5.76 -13.37
N ILE A 16 -7.98 6.22 -12.16
CA ILE A 16 -7.06 7.10 -11.45
C ILE A 16 -5.58 6.70 -11.40
N SER A 17 -5.27 5.53 -10.86
CA SER A 17 -3.87 5.11 -10.75
C SER A 17 -3.21 4.81 -12.08
N GLN A 18 -4.00 4.54 -13.11
CA GLN A 18 -3.44 4.26 -14.43
C GLN A 18 -2.85 5.55 -15.00
N MET A 19 -3.56 6.65 -14.77
CA MET A 19 -3.13 7.95 -15.25
C MET A 19 -1.89 8.42 -14.51
N ILE A 20 -1.85 8.17 -13.22
CA ILE A 20 -0.72 8.57 -12.40
C ILE A 20 0.56 7.86 -12.83
N THR A 21 0.50 6.54 -13.00
CA THR A 21 1.70 5.82 -13.42
C THR A 21 1.98 6.11 -14.89
N TYR A 22 0.93 6.48 -15.62
CA TYR A 22 1.09 6.83 -17.03
C TYR A 22 2.07 7.99 -17.15
N TRP A 23 2.02 8.91 -16.19
CA TRP A 23 2.90 10.08 -16.18
C TRP A 23 4.18 9.85 -15.40
N GLY A 24 4.46 8.58 -15.07
CA GLY A 24 5.68 8.26 -14.36
C GLY A 24 5.69 8.51 -12.86
N TYR A 25 4.55 8.89 -12.30
CA TYR A 25 4.47 9.14 -10.87
C TYR A 25 4.01 7.90 -10.12
N PRO A 26 4.42 7.77 -8.85
CA PRO A 26 4.03 6.62 -8.03
C PRO A 26 2.55 6.74 -7.70
N ALA A 27 1.83 5.64 -7.89
CA ALA A 27 0.40 5.60 -7.62
C ALA A 27 0.14 4.54 -6.54
N GLU A 28 -0.83 4.81 -5.69
CA GLU A 28 -1.18 3.88 -4.63
C GLU A 28 -2.68 3.95 -4.35
N GLU A 29 -3.34 2.80 -4.43
CA GLU A 29 -4.78 2.76 -4.19
C GLU A 29 -5.12 2.31 -2.77
N TYR A 30 -6.21 2.86 -2.26
CA TYR A 30 -6.70 2.55 -0.93
C TYR A 30 -8.18 2.73 -0.95
N GLU A 31 -8.86 2.21 0.05
CA GLU A 31 -10.27 2.45 0.12
C GLU A 31 -10.71 2.68 1.54
N VAL A 32 -11.48 3.74 1.72
CA VAL A 32 -11.98 4.13 3.03
C VAL A 32 -13.38 3.58 3.19
N VAL A 33 -13.75 3.30 4.44
CA VAL A 33 -15.08 2.79 4.73
C VAL A 33 -15.75 3.77 5.68
N THR A 34 -16.80 4.41 5.20
CA THR A 34 -17.53 5.38 6.00
C THR A 34 -18.35 4.71 7.09
N GLU A 35 -18.50 5.40 8.20
CA GLU A 35 -19.25 4.87 9.32
C GLU A 35 -20.57 4.27 8.85
N ASP A 36 -21.19 4.86 7.82
CA ASP A 36 -22.46 4.35 7.33
C ASP A 36 -22.36 3.30 6.22
N GLY A 37 -21.19 2.71 6.07
CA GLY A 37 -21.01 1.64 5.10
C GLY A 37 -20.50 1.88 3.69
N TYR A 38 -20.33 3.14 3.29
CA TYR A 38 -19.83 3.40 1.94
C TYR A 38 -18.34 3.18 1.81
N ILE A 39 -17.96 2.51 0.73
CA ILE A 39 -16.57 2.19 0.42
C ILE A 39 -16.03 3.17 -0.61
N LEU A 40 -15.12 4.06 -0.18
CA LEU A 40 -14.55 5.07 -1.05
C LEU A 40 -13.16 4.71 -1.55
N GLY A 41 -12.99 4.68 -2.87
CA GLY A 41 -11.68 4.39 -3.42
C GLY A 41 -10.88 5.68 -3.52
N ILE A 42 -9.85 5.81 -2.71
CA ILE A 42 -9.03 7.02 -2.73
C ILE A 42 -7.65 6.69 -3.27
N ASP A 43 -7.00 7.68 -3.89
CA ASP A 43 -5.67 7.42 -4.46
C ASP A 43 -4.61 8.32 -3.86
N ARG A 44 -3.36 7.90 -4.00
CA ARG A 44 -2.26 8.66 -3.44
C ARG A 44 -1.03 8.67 -4.36
N ILE A 45 -0.29 9.78 -4.30
CA ILE A 45 0.95 9.95 -5.05
C ILE A 45 1.92 10.35 -3.95
N PRO A 46 2.53 9.36 -3.29
CA PRO A 46 3.49 9.53 -2.19
C PRO A 46 4.60 10.55 -2.43
N TYR A 47 5.23 10.49 -3.59
CA TYR A 47 6.29 11.43 -3.93
C TYR A 47 6.12 11.81 -5.38
N GLY A 48 6.89 12.80 -5.83
CA GLY A 48 6.79 13.25 -7.20
C GLY A 48 8.02 12.81 -7.99
N ARG A 49 7.95 13.01 -9.30
CA ARG A 49 9.05 12.66 -10.19
C ARG A 49 10.23 13.59 -9.91
N LYS A 50 9.90 14.74 -9.33
CA LYS A 50 10.89 15.77 -9.04
C LYS A 50 11.26 15.96 -7.57
N ASN A 51 10.61 15.22 -6.67
CA ASN A 51 10.88 15.37 -5.24
C ASN A 51 10.55 14.09 -4.49
N SER A 52 11.57 13.50 -3.86
CA SER A 52 11.41 12.25 -3.11
C SER A 52 11.91 12.43 -1.68
N GLU A 53 12.13 13.69 -1.30
CA GLU A 53 12.61 14.02 0.04
C GLU A 53 11.68 13.49 1.15
N ASN A 54 12.18 13.56 2.38
CA ASN A 54 11.44 13.13 3.58
C ASN A 54 10.42 12.01 3.46
N ILE A 55 10.72 10.96 2.69
CA ILE A 55 9.75 9.86 2.56
C ILE A 55 9.37 9.42 3.99
N GLY A 56 8.06 9.43 4.26
CA GLY A 56 7.58 9.02 5.57
C GLY A 56 7.33 10.22 6.47
N ARG A 57 7.67 11.40 5.98
CA ARG A 57 7.46 12.61 6.76
C ARG A 57 6.97 13.74 5.85
N ARG A 58 6.79 13.44 4.56
CA ARG A 58 6.33 14.43 3.60
C ARG A 58 4.98 14.97 4.05
N PRO A 59 4.79 16.30 3.99
CA PRO A 59 3.51 16.90 4.40
C PRO A 59 2.40 16.47 3.46
N VAL A 60 1.24 16.15 4.04
CA VAL A 60 0.09 15.67 3.28
C VAL A 60 -0.79 16.75 2.67
N ALA A 61 -1.16 16.54 1.42
CA ALA A 61 -2.03 17.45 0.70
C ALA A 61 -3.18 16.57 0.23
N PHE A 62 -4.39 16.90 0.68
CA PHE A 62 -5.56 16.14 0.30
C PHE A 62 -6.41 17.00 -0.62
N LEU A 63 -6.67 16.50 -1.82
CA LEU A 63 -7.47 17.22 -2.81
C LEU A 63 -8.86 16.59 -2.97
N GLN A 64 -9.89 17.38 -2.70
CA GLN A 64 -11.27 16.93 -2.78
C GLN A 64 -11.99 17.56 -3.98
N HIS A 65 -12.51 16.73 -4.86
CA HIS A 65 -13.25 17.20 -6.04
C HIS A 65 -14.67 17.63 -5.64
N GLY A 66 -15.43 18.10 -6.63
CA GLY A 66 -16.79 18.54 -6.37
C GLY A 66 -17.88 17.67 -6.97
N LEU A 67 -19.08 18.24 -7.08
CA LEU A 67 -20.24 17.55 -7.62
C LEU A 67 -20.03 16.92 -9.01
N LEU A 68 -20.49 15.68 -9.16
CA LEU A 68 -20.40 14.95 -10.41
C LEU A 68 -18.99 14.81 -10.98
N ALA A 69 -17.97 14.95 -10.15
CA ALA A 69 -16.61 14.82 -10.62
C ALA A 69 -15.90 13.70 -9.88
N SER A 70 -14.58 13.61 -10.02
CA SER A 70 -13.83 12.58 -9.34
C SER A 70 -12.42 13.06 -9.06
N ALA A 71 -11.60 12.18 -8.49
CA ALA A 71 -10.24 12.52 -8.18
C ALA A 71 -9.42 12.87 -9.43
N THR A 72 -9.78 12.32 -10.60
CA THR A 72 -9.00 12.61 -11.81
C THR A 72 -8.95 14.10 -12.09
N ASN A 73 -9.89 14.84 -11.49
CA ASN A 73 -9.96 16.29 -11.66
C ASN A 73 -8.62 16.94 -11.37
N TRP A 74 -7.86 16.34 -10.47
CA TRP A 74 -6.58 16.89 -10.09
C TRP A 74 -5.37 16.41 -10.90
N ILE A 75 -5.60 15.47 -11.80
CA ILE A 75 -4.52 14.93 -12.63
C ILE A 75 -5.00 14.82 -14.07
N SER A 76 -5.97 15.65 -14.41
CA SER A 76 -6.56 15.64 -15.74
C SER A 76 -5.68 16.10 -16.90
N ASN A 77 -4.59 16.79 -16.63
CA ASN A 77 -3.76 17.27 -17.72
C ASN A 77 -2.30 16.81 -17.68
N LEU A 78 -1.36 17.75 -17.74
CA LEU A 78 0.05 17.39 -17.71
C LEU A 78 0.60 17.49 -16.29
N PRO A 79 1.75 16.86 -16.03
CA PRO A 79 2.35 16.91 -14.71
C PRO A 79 2.69 18.33 -14.30
N ASN A 80 2.93 19.19 -15.31
CA ASN A 80 3.32 20.57 -15.07
C ASN A 80 2.15 21.54 -14.91
N ASN A 81 0.94 21.06 -15.11
CA ASN A 81 -0.22 21.92 -14.97
C ASN A 81 -1.41 21.24 -14.30
N SER A 82 -1.14 20.16 -13.58
CA SER A 82 -2.16 19.44 -12.83
C SER A 82 -1.70 19.58 -11.38
N LEU A 83 -2.57 20.11 -10.53
CA LEU A 83 -2.22 20.33 -9.13
C LEU A 83 -1.62 19.14 -8.41
N ALA A 84 -2.26 17.98 -8.50
CA ALA A 84 -1.76 16.79 -7.81
C ALA A 84 -0.29 16.51 -8.13
N PHE A 85 0.05 16.48 -9.42
CA PHE A 85 1.42 16.23 -9.83
C PHE A 85 2.37 17.33 -9.35
N ILE A 86 1.91 18.57 -9.43
CA ILE A 86 2.73 19.70 -8.99
C ILE A 86 3.02 19.59 -7.48
N LEU A 87 1.99 19.29 -6.67
CA LEU A 87 2.19 19.16 -5.23
C LEU A 87 3.20 18.07 -4.91
N ALA A 88 3.15 17.01 -5.70
CA ALA A 88 4.06 15.89 -5.54
C ALA A 88 5.48 16.40 -5.76
N ASP A 89 5.71 17.00 -6.92
CA ASP A 89 7.03 17.52 -7.28
C ASP A 89 7.46 18.66 -6.39
N ALA A 90 6.54 19.22 -5.62
CA ALA A 90 6.87 20.32 -4.72
C ALA A 90 7.23 19.78 -3.35
N GLY A 91 7.27 18.45 -3.23
CA GLY A 91 7.64 17.80 -1.98
C GLY A 91 6.51 17.28 -1.10
N TYR A 92 5.29 17.20 -1.64
CA TYR A 92 4.17 16.72 -0.86
C TYR A 92 3.73 15.29 -1.11
N ASP A 93 3.06 14.76 -0.10
CA ASP A 93 2.48 13.44 -0.14
C ASP A 93 1.04 13.77 -0.48
N VAL A 94 0.67 13.61 -1.75
CA VAL A 94 -0.68 13.94 -2.23
C VAL A 94 -1.73 12.84 -2.23
N TRP A 95 -2.86 13.13 -1.60
CA TRP A 95 -3.99 12.20 -1.52
C TRP A 95 -5.19 12.80 -2.25
N LEU A 96 -5.84 11.99 -3.08
CA LEU A 96 -6.99 12.44 -3.85
C LEU A 96 -8.22 11.66 -3.43
N GLY A 97 -9.21 12.37 -2.89
CA GLY A 97 -10.41 11.69 -2.46
C GLY A 97 -11.46 11.52 -3.54
N ASN A 98 -12.50 10.76 -3.20
CA ASN A 98 -13.63 10.50 -4.08
C ASN A 98 -14.87 10.40 -3.20
N SER A 99 -15.92 11.14 -3.57
CA SER A 99 -17.17 11.17 -2.82
C SER A 99 -18.06 9.97 -3.16
N ARG A 100 -18.84 9.54 -2.18
CA ARG A 100 -19.75 8.40 -2.36
C ARG A 100 -20.64 8.61 -3.57
N GLY A 101 -20.76 7.58 -4.39
CA GLY A 101 -21.59 7.69 -5.57
C GLY A 101 -20.85 7.87 -6.88
N ASN A 102 -19.65 8.43 -6.83
CA ASN A 102 -18.93 8.63 -8.08
C ASN A 102 -18.35 7.33 -8.59
N THR A 103 -17.77 7.40 -9.78
CA THR A 103 -17.17 6.25 -10.43
C THR A 103 -16.36 5.33 -9.51
N TRP A 104 -15.64 5.91 -8.55
CA TRP A 104 -14.83 5.08 -7.68
C TRP A 104 -15.18 4.99 -6.20
N ALA A 105 -16.40 5.36 -5.87
CA ALA A 105 -16.87 5.31 -4.49
C ALA A 105 -18.33 4.93 -4.56
N ARG A 106 -18.61 3.91 -5.36
CA ARG A 106 -19.97 3.42 -5.59
C ARG A 106 -20.20 2.01 -5.09
N ARG A 107 -19.85 1.76 -3.84
CA ARG A 107 -20.02 0.44 -3.27
C ARG A 107 -20.22 0.55 -1.76
N ASN A 108 -21.31 -0.04 -1.27
CA ASN A 108 -21.61 0.00 0.15
C ASN A 108 -21.55 -1.42 0.71
N LEU A 109 -21.36 -1.54 2.01
CA LEU A 109 -21.29 -2.86 2.65
C LEU A 109 -22.69 -3.48 2.75
N TYR A 110 -23.66 -2.65 3.13
CA TYR A 110 -25.04 -3.08 3.36
C TYR A 110 -26.03 -2.99 2.20
N TYR A 111 -25.87 -2.01 1.32
CA TYR A 111 -26.82 -1.89 0.21
C TYR A 111 -26.22 -2.11 -1.17
N SER A 112 -27.10 -2.41 -2.12
CA SER A 112 -26.71 -2.63 -3.49
C SER A 112 -26.71 -1.29 -4.21
N PRO A 113 -25.76 -1.08 -5.13
CA PRO A 113 -25.74 0.21 -5.83
C PRO A 113 -27.08 0.41 -6.53
N ASP A 114 -27.80 -0.69 -6.74
CA ASP A 114 -29.11 -0.65 -7.41
C ASP A 114 -30.27 -0.41 -6.46
N SER A 115 -29.98 -0.28 -5.17
CA SER A 115 -31.04 -0.03 -4.18
C SER A 115 -31.31 1.46 -4.02
N VAL A 116 -32.52 1.79 -3.60
CA VAL A 116 -32.90 3.17 -3.39
C VAL A 116 -32.18 3.74 -2.18
N GLU A 117 -32.00 2.90 -1.16
CA GLU A 117 -31.35 3.31 0.06
C GLU A 117 -29.89 3.71 -0.19
N PHE A 118 -29.26 3.06 -1.16
CA PHE A 118 -27.86 3.32 -1.49
C PHE A 118 -27.62 4.77 -1.87
N TRP A 119 -28.53 5.33 -2.67
CA TRP A 119 -28.40 6.73 -3.11
C TRP A 119 -29.22 7.70 -2.28
N ALA A 120 -29.44 7.36 -1.01
CA ALA A 120 -30.19 8.23 -0.11
C ALA A 120 -29.19 9.06 0.67
N PHE A 121 -28.44 9.89 -0.05
CA PHE A 121 -27.42 10.74 0.56
C PHE A 121 -27.22 12.01 -0.28
N SER A 122 -26.56 13.00 0.33
CA SER A 122 -26.24 14.25 -0.33
C SER A 122 -24.85 14.62 0.19
N PHE A 123 -24.43 15.85 -0.04
CA PHE A 123 -23.13 16.26 0.45
C PHE A 123 -23.12 16.34 1.98
N ASP A 124 -24.29 16.27 2.61
CA ASP A 124 -24.36 16.28 4.07
C ASP A 124 -23.57 15.07 4.56
N GLU A 125 -23.92 13.90 4.02
CA GLU A 125 -23.27 12.66 4.40
C GLU A 125 -21.81 12.62 3.96
N MET A 126 -21.49 13.35 2.89
CA MET A 126 -20.12 13.40 2.41
C MET A 126 -19.28 14.16 3.43
N ALA A 127 -19.88 15.18 4.03
CA ALA A 127 -19.20 16.01 5.02
C ALA A 127 -19.08 15.27 6.34
N LYS A 128 -20.21 14.72 6.76
CA LYS A 128 -20.33 13.98 8.02
C LYS A 128 -19.65 12.62 8.06
N TYR A 129 -19.53 11.95 6.91
CA TYR A 129 -18.92 10.63 6.93
C TYR A 129 -17.71 10.45 6.01
N ASP A 130 -17.84 10.85 4.75
CA ASP A 130 -16.75 10.71 3.78
C ASP A 130 -15.44 11.35 4.22
N LEU A 131 -15.50 12.65 4.56
CA LEU A 131 -14.30 13.37 5.01
C LEU A 131 -13.66 12.77 6.26
N PRO A 132 -14.39 12.78 7.39
CA PRO A 132 -13.82 12.21 8.62
C PRO A 132 -13.15 10.88 8.32
N ALA A 133 -13.90 9.96 7.71
CA ALA A 133 -13.35 8.65 7.37
C ALA A 133 -12.09 8.72 6.51
N THR A 134 -12.11 9.52 5.46
CA THR A 134 -10.96 9.61 4.58
C THR A 134 -9.75 10.27 5.24
N ILE A 135 -9.97 11.41 5.87
CA ILE A 135 -8.87 12.13 6.52
C ILE A 135 -8.28 11.31 7.66
N ASP A 136 -9.15 10.73 8.49
CA ASP A 136 -8.70 9.89 9.59
C ASP A 136 -7.83 8.77 9.02
N PHE A 137 -8.27 8.17 7.93
CA PHE A 137 -7.50 7.10 7.30
C PHE A 137 -6.11 7.58 6.91
N ILE A 138 -6.06 8.67 6.13
CA ILE A 138 -4.80 9.21 5.65
C ILE A 138 -3.81 9.58 6.76
N LEU A 139 -4.29 10.27 7.79
CA LEU A 139 -3.40 10.66 8.87
C LEU A 139 -2.88 9.49 9.70
N LYS A 140 -3.72 8.46 9.87
CA LYS A 140 -3.32 7.29 10.62
C LYS A 140 -2.27 6.50 9.80
N LYS A 141 -2.40 6.55 8.48
CA LYS A 141 -1.49 5.85 7.58
C LYS A 141 -0.15 6.57 7.50
N THR A 142 -0.18 7.85 7.16
CA THR A 142 1.03 8.66 7.02
C THR A 142 1.72 8.99 8.33
N GLY A 143 0.94 9.09 9.39
CA GLY A 143 1.52 9.44 10.67
C GLY A 143 1.62 10.94 10.90
N GLN A 144 1.06 11.72 9.99
CA GLN A 144 1.08 13.18 10.11
C GLN A 144 0.01 13.62 11.11
N ASP A 145 0.18 14.80 11.70
CA ASP A 145 -0.78 15.32 12.67
C ASP A 145 -1.92 16.11 12.00
N LYS A 146 -1.58 16.81 10.93
CA LYS A 146 -2.55 17.59 10.18
C LYS A 146 -2.22 17.45 8.71
N LEU A 147 -3.11 17.93 7.85
CA LEU A 147 -2.88 17.88 6.41
C LEU A 147 -3.39 19.14 5.75
N HIS A 148 -3.03 19.32 4.49
CA HIS A 148 -3.45 20.48 3.73
C HIS A 148 -4.67 20.07 2.92
N TYR A 149 -5.80 20.73 3.19
CA TYR A 149 -7.04 20.42 2.49
C TYR A 149 -7.29 21.36 1.31
N VAL A 150 -7.43 20.79 0.13
CA VAL A 150 -7.73 21.59 -1.05
C VAL A 150 -9.02 21.02 -1.59
N GLY A 151 -10.02 21.87 -1.79
CA GLY A 151 -11.28 21.42 -2.31
C GLY A 151 -11.71 22.29 -3.46
N HIS A 152 -12.63 21.77 -4.26
CA HIS A 152 -13.15 22.50 -5.41
C HIS A 152 -14.67 22.38 -5.46
N SER A 153 -15.35 23.51 -5.51
CA SER A 153 -16.79 23.49 -5.62
C SER A 153 -17.41 22.80 -4.39
N GLN A 154 -18.19 21.76 -4.65
CA GLN A 154 -18.83 20.97 -3.59
C GLN A 154 -17.70 20.41 -2.70
N GLY A 155 -16.50 20.36 -3.26
CA GLY A 155 -15.34 19.88 -2.53
C GLY A 155 -15.06 20.81 -1.37
N THR A 156 -15.44 22.07 -1.52
CA THR A 156 -15.23 23.01 -0.44
C THR A 156 -16.48 22.99 0.43
N THR A 157 -17.64 22.77 -0.18
CA THR A 157 -18.90 22.73 0.58
C THR A 157 -18.84 21.74 1.72
N ILE A 158 -18.36 20.52 1.42
CA ILE A 158 -18.27 19.48 2.43
C ILE A 158 -17.17 19.80 3.43
N GLY A 159 -16.23 20.65 3.03
CA GLY A 159 -15.16 21.06 3.92
C GLY A 159 -15.68 22.09 4.91
N PHE A 160 -16.56 22.97 4.43
CA PHE A 160 -17.15 24.00 5.27
C PHE A 160 -18.02 23.31 6.30
N ILE A 161 -18.84 22.37 5.86
CA ILE A 161 -19.72 21.63 6.75
C ILE A 161 -18.96 20.86 7.82
N ALA A 162 -18.03 20.01 7.41
CA ALA A 162 -17.27 19.22 8.36
C ALA A 162 -16.49 20.08 9.35
N PHE A 163 -15.57 20.87 8.83
CA PHE A 163 -14.72 21.72 9.65
C PHE A 163 -15.46 22.72 10.55
N SER A 164 -16.77 22.82 10.40
CA SER A 164 -17.53 23.74 11.22
C SER A 164 -18.48 23.04 12.19
N THR A 165 -18.57 21.72 12.06
CA THR A 165 -19.46 20.92 12.90
C THR A 165 -18.69 19.81 13.57
N ASN A 166 -17.45 19.64 13.14
CA ASN A 166 -16.57 18.60 13.66
C ASN A 166 -15.30 19.23 14.22
N PRO A 167 -15.39 19.82 15.42
CA PRO A 167 -14.22 20.46 16.03
C PRO A 167 -12.94 19.63 16.00
N LYS A 168 -13.07 18.32 16.24
CA LYS A 168 -11.90 17.45 16.26
C LYS A 168 -11.23 17.34 14.90
N LEU A 169 -12.03 17.11 13.86
CA LEU A 169 -11.53 16.99 12.50
C LEU A 169 -10.89 18.31 12.07
N ALA A 170 -11.61 19.40 12.29
CA ALA A 170 -11.14 20.73 11.93
C ALA A 170 -9.72 20.99 12.43
N LYS A 171 -9.43 20.56 13.66
CA LYS A 171 -8.13 20.78 14.27
C LYS A 171 -7.00 20.04 13.56
N ARG A 172 -7.34 19.20 12.59
CA ARG A 172 -6.33 18.44 11.87
C ARG A 172 -6.08 18.96 10.46
N ILE A 173 -6.67 20.12 10.16
CA ILE A 173 -6.51 20.75 8.85
C ILE A 173 -5.54 21.92 8.98
N LYS A 174 -4.38 21.81 8.35
CA LYS A 174 -3.40 22.89 8.41
C LYS A 174 -4.00 24.17 7.81
N THR A 175 -4.26 24.14 6.50
CA THR A 175 -4.89 25.26 5.83
C THR A 175 -5.94 24.71 4.84
N PHE A 176 -7.03 25.43 4.72
CA PHE A 176 -8.12 25.06 3.81
C PHE A 176 -7.93 25.92 2.56
N TYR A 177 -7.65 25.26 1.44
CA TYR A 177 -7.48 25.92 0.15
C TYR A 177 -8.77 25.67 -0.61
N ALA A 178 -9.58 26.71 -0.76
CA ALA A 178 -10.85 26.57 -1.44
C ALA A 178 -10.87 27.22 -2.83
N LEU A 179 -11.00 26.39 -3.85
CA LEU A 179 -11.06 26.86 -5.23
C LEU A 179 -12.53 26.84 -5.63
N ALA A 180 -13.03 27.99 -6.07
CA ALA A 180 -14.44 28.07 -6.46
C ALA A 180 -15.31 27.59 -5.29
N PRO A 181 -15.12 28.19 -4.11
CA PRO A 181 -15.88 27.81 -2.91
C PRO A 181 -17.39 27.95 -3.09
N VAL A 182 -18.14 27.01 -2.54
CA VAL A 182 -19.59 27.08 -2.64
C VAL A 182 -20.25 26.77 -1.31
N ALA A 183 -20.88 27.78 -0.71
CA ALA A 183 -21.58 27.55 0.54
C ALA A 183 -23.06 27.67 0.19
N THR A 184 -23.38 28.68 -0.61
CA THR A 184 -24.75 28.91 -1.06
C THR A 184 -24.75 29.11 -2.58
N VAL A 185 -25.91 28.93 -3.20
CA VAL A 185 -26.03 29.12 -4.64
C VAL A 185 -27.31 29.86 -4.97
N LYS A 186 -27.51 31.02 -4.37
CA LYS A 186 -28.71 31.78 -4.66
C LYS A 186 -28.50 32.82 -5.75
N TYR A 187 -27.27 32.92 -6.26
CA TYR A 187 -26.95 33.89 -7.31
C TYR A 187 -26.16 33.28 -8.47
N THR A 188 -26.28 31.97 -8.67
CA THR A 188 -25.56 31.33 -9.75
C THR A 188 -26.05 31.95 -11.06
N GLU A 189 -25.20 31.90 -12.09
CA GLU A 189 -25.56 32.49 -13.38
C GLU A 189 -25.74 31.49 -14.52
N THR A 190 -25.44 30.23 -14.28
CA THR A 190 -25.57 29.24 -15.35
C THR A 190 -27.03 28.93 -15.70
N LEU A 191 -27.31 28.75 -16.99
CA LEU A 191 -28.65 28.46 -17.50
C LEU A 191 -29.29 27.29 -16.76
N ILE A 192 -28.45 26.36 -16.32
CA ILE A 192 -28.94 25.19 -15.62
C ILE A 192 -29.63 25.59 -14.30
N ASN A 193 -29.71 26.90 -14.06
CA ASN A 193 -30.38 27.47 -12.88
C ASN A 193 -31.75 26.83 -12.74
N LYS A 194 -32.59 27.20 -13.70
CA LYS A 194 -33.97 26.78 -13.81
C LYS A 194 -34.26 25.30 -13.62
N LEU A 195 -33.38 24.45 -14.12
CA LEU A 195 -33.58 23.02 -13.96
C LEU A 195 -33.61 22.72 -12.46
N MET A 196 -33.00 23.61 -11.68
CA MET A 196 -32.92 23.49 -10.22
C MET A 196 -34.08 24.15 -9.49
N LEU A 197 -34.83 24.98 -10.16
CA LEU A 197 -35.97 25.62 -9.52
C LEU A 197 -37.23 24.79 -9.72
N VAL A 198 -37.14 23.76 -10.55
CA VAL A 198 -38.30 22.90 -10.79
C VAL A 198 -38.67 22.23 -9.47
N PRO A 199 -39.98 21.97 -9.24
CA PRO A 199 -40.43 21.33 -8.00
C PRO A 199 -39.78 19.98 -7.80
N SER A 200 -39.36 19.69 -6.56
CA SER A 200 -38.73 18.42 -6.24
C SER A 200 -39.48 17.25 -6.87
N PHE A 201 -40.80 17.29 -6.75
CA PHE A 201 -41.65 16.24 -7.30
C PHE A 201 -41.29 15.95 -8.76
N LEU A 202 -41.32 16.98 -9.59
CA LEU A 202 -41.01 16.89 -11.00
C LEU A 202 -39.59 16.40 -11.24
N PHE A 203 -38.66 16.87 -10.40
CA PHE A 203 -37.26 16.50 -10.49
C PHE A 203 -37.09 14.99 -10.44
N LYS A 204 -37.77 14.36 -9.48
CA LYS A 204 -37.69 12.91 -9.31
C LYS A 204 -38.46 12.18 -10.41
N LEU A 205 -39.48 12.84 -10.93
CA LEU A 205 -40.28 12.26 -11.99
C LEU A 205 -39.41 12.18 -13.24
N ILE A 206 -38.53 13.17 -13.40
CA ILE A 206 -37.63 13.23 -14.54
C ILE A 206 -36.43 12.31 -14.39
N PHE A 207 -35.67 12.50 -13.32
CA PHE A 207 -34.45 11.73 -13.09
C PHE A 207 -34.61 10.40 -12.37
N GLY A 208 -35.34 10.39 -11.26
CA GLY A 208 -35.52 9.14 -10.54
C GLY A 208 -35.21 9.30 -9.07
N ASN A 209 -34.69 8.23 -8.48
CA ASN A 209 -34.38 8.24 -7.06
C ASN A 209 -33.05 7.56 -6.76
N LYS A 210 -32.31 7.23 -7.81
CA LYS A 210 -31.04 6.56 -7.64
C LYS A 210 -29.86 7.37 -8.20
N ILE A 211 -29.03 6.72 -9.00
CA ILE A 211 -27.86 7.36 -9.59
C ILE A 211 -28.25 8.55 -10.45
N PHE A 212 -27.31 9.50 -10.58
CA PHE A 212 -27.53 10.71 -11.37
C PHE A 212 -26.32 10.95 -12.28
N TYR A 213 -26.58 11.09 -13.56
CA TYR A 213 -25.55 11.33 -14.57
C TYR A 213 -24.19 10.69 -14.33
N PRO A 214 -24.12 9.36 -14.45
CA PRO A 214 -22.83 8.69 -14.25
C PRO A 214 -22.16 8.59 -15.62
N HIS A 215 -21.03 7.93 -15.69
CA HIS A 215 -20.34 7.78 -16.96
C HIS A 215 -20.96 6.62 -17.76
N HIS A 216 -21.41 6.89 -18.98
CA HIS A 216 -22.02 5.86 -19.84
C HIS A 216 -21.12 5.51 -21.02
N PHE A 217 -21.56 4.53 -21.82
CA PHE A 217 -20.79 4.12 -23.01
C PHE A 217 -20.85 5.30 -23.96
N PHE A 218 -22.05 5.81 -24.16
CA PHE A 218 -22.29 6.93 -25.06
C PHE A 218 -21.39 8.10 -24.72
N ASP A 219 -21.17 8.33 -23.43
CA ASP A 219 -20.32 9.43 -22.99
C ASP A 219 -18.95 9.24 -23.62
N GLN A 220 -18.56 7.98 -23.79
CA GLN A 220 -17.29 7.66 -24.40
C GLN A 220 -17.35 7.93 -25.89
N PHE A 221 -18.46 7.58 -26.54
CA PHE A 221 -18.60 7.83 -27.97
C PHE A 221 -18.40 9.31 -28.25
N LEU A 222 -19.17 10.13 -27.55
CA LEU A 222 -19.08 11.57 -27.71
C LEU A 222 -17.70 12.05 -27.33
N ALA A 223 -17.16 11.50 -26.26
CA ALA A 223 -15.84 11.89 -25.78
C ALA A 223 -14.74 11.65 -26.82
N THR A 224 -14.67 10.43 -27.33
CA THR A 224 -13.64 10.09 -28.30
C THR A 224 -13.99 10.43 -29.74
N GLU A 225 -15.27 10.40 -30.06
CA GLU A 225 -15.70 10.70 -31.43
C GLU A 225 -16.22 12.10 -31.71
N VAL A 226 -16.74 12.81 -30.71
CA VAL A 226 -17.23 14.16 -30.98
C VAL A 226 -16.32 15.25 -30.44
N CYS A 227 -15.81 15.04 -29.23
CA CYS A 227 -14.94 16.00 -28.58
C CYS A 227 -13.51 15.95 -29.11
N SER A 228 -13.29 15.11 -30.12
CA SER A 228 -11.97 14.97 -30.71
C SER A 228 -11.97 15.51 -32.12
N ARG A 229 -13.15 15.63 -32.71
CA ARG A 229 -13.26 16.10 -34.08
C ARG A 229 -13.26 17.61 -34.19
N GLU A 230 -12.75 18.11 -35.30
CA GLU A 230 -12.61 19.53 -35.57
C GLU A 230 -13.69 20.55 -35.14
N THR A 231 -14.85 20.54 -35.76
CA THR A 231 -15.83 21.55 -35.39
C THR A 231 -16.89 21.09 -34.39
N VAL A 232 -17.35 19.86 -34.54
CA VAL A 232 -18.34 19.29 -33.63
C VAL A 232 -17.71 19.38 -32.23
N ASP A 233 -16.42 19.61 -32.27
CA ASP A 233 -15.52 19.81 -31.14
C ASP A 233 -16.19 20.72 -30.11
N LEU A 234 -16.65 21.87 -30.60
CA LEU A 234 -17.30 22.91 -29.82
C LEU A 234 -18.50 22.47 -28.99
N LEU A 235 -19.19 21.43 -29.42
CA LEU A 235 -20.33 20.97 -28.65
C LEU A 235 -19.90 20.65 -27.22
N CYS A 236 -18.76 19.97 -27.11
CA CYS A 236 -18.24 19.58 -25.81
C CYS A 236 -17.75 20.79 -25.03
N SER A 237 -16.88 21.59 -25.63
CA SER A 237 -16.35 22.76 -24.94
C SER A 237 -17.44 23.75 -24.49
N ASN A 238 -18.44 23.99 -25.33
CA ASN A 238 -19.50 24.93 -24.97
C ASN A 238 -20.49 24.38 -23.95
N ALA A 239 -20.59 23.05 -23.86
CA ALA A 239 -21.48 22.45 -22.89
C ALA A 239 -20.83 22.68 -21.54
N LEU A 240 -19.50 22.70 -21.55
CA LEU A 240 -18.73 22.92 -20.34
C LEU A 240 -18.81 24.39 -19.92
N PHE A 241 -18.69 25.29 -20.89
CA PHE A 241 -18.73 26.71 -20.61
C PHE A 241 -20.10 27.20 -20.17
N ILE A 242 -21.16 26.62 -20.71
CA ILE A 242 -22.49 27.04 -20.30
C ILE A 242 -22.68 26.76 -18.82
N ILE A 243 -21.97 25.75 -18.33
CA ILE A 243 -22.05 25.38 -16.92
C ILE A 243 -21.11 26.18 -16.03
N CYS A 244 -19.86 26.33 -16.48
CA CYS A 244 -18.82 27.00 -15.70
C CYS A 244 -18.49 28.47 -15.97
N GLY A 245 -18.87 28.98 -17.13
CA GLY A 245 -18.53 30.35 -17.45
C GLY A 245 -17.53 30.34 -18.59
N PHE A 246 -17.38 31.46 -19.27
CA PHE A 246 -16.49 31.50 -20.40
C PHE A 246 -15.06 32.00 -20.20
N ASP A 247 -14.11 31.20 -20.70
CA ASP A 247 -12.69 31.48 -20.65
C ASP A 247 -12.21 30.57 -21.74
N THR A 248 -12.75 30.79 -22.93
CA THR A 248 -12.47 29.97 -24.08
C THR A 248 -11.02 29.57 -24.36
N MET A 249 -10.09 30.51 -24.22
CA MET A 249 -8.69 30.18 -24.52
C MET A 249 -7.86 29.53 -23.42
N ASN A 250 -8.49 29.18 -22.30
CA ASN A 250 -7.76 28.58 -21.18
C ASN A 250 -7.92 27.07 -21.15
N LEU A 251 -8.88 26.58 -21.91
CA LEU A 251 -9.18 25.17 -21.97
C LEU A 251 -8.41 24.50 -23.10
N ASN A 252 -7.75 23.39 -22.79
CA ASN A 252 -6.99 22.66 -23.79
C ASN A 252 -7.96 21.79 -24.60
N MET A 253 -8.37 22.31 -25.77
CA MET A 253 -9.30 21.62 -26.66
C MET A 253 -8.85 20.22 -27.06
N SER A 254 -7.55 19.96 -27.01
CA SER A 254 -7.03 18.66 -27.38
C SER A 254 -7.19 17.61 -26.29
N ARG A 255 -7.83 18.00 -25.19
CA ARG A 255 -8.03 17.07 -24.09
C ARG A 255 -9.48 16.95 -23.66
N LEU A 256 -10.40 17.48 -24.45
CA LEU A 256 -11.82 17.38 -24.12
C LEU A 256 -12.23 15.90 -24.01
N ASP A 257 -11.57 15.06 -24.80
CA ASP A 257 -11.88 13.63 -24.79
C ASP A 257 -11.54 13.08 -23.42
N VAL A 258 -10.50 13.62 -22.80
CA VAL A 258 -10.12 13.14 -21.47
C VAL A 258 -11.12 13.68 -20.45
N TYR A 259 -11.44 14.97 -20.54
CA TYR A 259 -12.37 15.56 -19.59
C TYR A 259 -13.76 14.90 -19.60
N LEU A 260 -14.36 14.79 -20.78
CA LEU A 260 -15.69 14.23 -20.83
C LEU A 260 -15.77 12.73 -20.68
N SER A 261 -14.65 12.04 -20.85
CA SER A 261 -14.68 10.61 -20.67
C SER A 261 -14.44 10.32 -19.19
N HIS A 262 -14.42 11.38 -18.38
CA HIS A 262 -14.20 11.21 -16.95
C HIS A 262 -15.20 12.04 -16.14
N ASN A 263 -15.91 12.93 -16.83
CA ASN A 263 -16.88 13.77 -16.19
C ASN A 263 -18.12 13.79 -17.06
N PRO A 264 -19.31 13.69 -16.45
CA PRO A 264 -19.49 13.55 -15.00
C PRO A 264 -19.14 12.16 -14.51
N ALA A 265 -18.93 12.02 -13.21
CA ALA A 265 -18.62 10.73 -12.62
C ALA A 265 -19.78 10.22 -11.77
N GLY A 266 -20.95 10.85 -11.91
CA GLY A 266 -22.12 10.42 -11.18
C GLY A 266 -22.24 10.78 -9.70
N THR A 267 -23.48 10.75 -9.23
CA THR A 267 -23.79 11.05 -7.83
C THR A 267 -25.25 10.68 -7.62
N SER A 268 -25.74 10.81 -6.39
CA SER A 268 -27.13 10.47 -6.07
C SER A 268 -28.09 11.52 -6.60
N VAL A 269 -29.32 11.12 -6.91
CA VAL A 269 -30.31 12.09 -7.36
C VAL A 269 -30.54 13.01 -6.16
N GLN A 270 -30.52 12.43 -4.96
CA GLN A 270 -30.74 13.19 -3.73
C GLN A 270 -29.79 14.36 -3.58
N ASN A 271 -28.51 14.11 -3.85
CA ASN A 271 -27.49 15.15 -3.73
C ASN A 271 -27.80 16.35 -4.59
N VAL A 272 -28.20 16.09 -5.83
CA VAL A 272 -28.55 17.16 -6.75
C VAL A 272 -29.84 17.81 -6.29
N LEU A 273 -30.72 17.01 -5.66
CA LEU A 273 -31.97 17.53 -5.16
C LEU A 273 -31.67 18.46 -3.98
N HIS A 274 -30.71 18.08 -3.14
CA HIS A 274 -30.31 18.88 -2.01
C HIS A 274 -29.80 20.22 -2.54
N TRP A 275 -28.94 20.16 -3.55
CA TRP A 275 -28.40 21.38 -4.15
C TRP A 275 -29.53 22.21 -4.71
N SER A 276 -30.59 21.54 -5.16
CA SER A 276 -31.75 22.22 -5.73
C SER A 276 -32.42 23.05 -4.63
N GLN A 277 -32.61 22.45 -3.46
CA GLN A 277 -33.22 23.17 -2.35
C GLN A 277 -32.39 24.40 -2.06
N ALA A 278 -31.08 24.26 -2.23
CA ALA A 278 -30.12 25.36 -1.99
C ALA A 278 -30.33 26.50 -2.97
N VAL A 279 -30.47 26.17 -4.25
CA VAL A 279 -30.69 27.19 -5.26
C VAL A 279 -32.00 27.93 -4.96
N LYS A 280 -33.00 27.20 -4.47
CA LYS A 280 -34.31 27.79 -4.15
C LYS A 280 -34.29 28.62 -2.88
N SER A 281 -33.79 28.05 -1.78
CA SER A 281 -33.74 28.75 -0.50
C SER A 281 -32.65 29.80 -0.47
N GLY A 282 -31.59 29.57 -1.24
CA GLY A 282 -30.48 30.50 -1.27
C GLY A 282 -29.70 30.46 0.03
N LYS A 283 -30.01 29.47 0.87
CA LYS A 283 -29.35 29.34 2.16
C LYS A 283 -28.31 28.23 2.12
N PHE A 284 -27.58 28.10 3.22
CA PHE A 284 -26.56 27.07 3.38
C PHE A 284 -27.08 26.18 4.50
N GLN A 285 -27.83 25.14 4.14
CA GLN A 285 -28.39 24.24 5.16
C GLN A 285 -28.47 22.78 4.75
N ALA A 286 -28.69 21.93 5.75
CA ALA A 286 -28.80 20.50 5.57
C ALA A 286 -29.98 20.12 4.68
N PHE A 287 -29.98 18.86 4.25
CA PHE A 287 -31.02 18.34 3.37
C PHE A 287 -32.41 18.24 4.02
N ASP A 288 -33.44 18.52 3.24
CA ASP A 288 -34.82 18.42 3.70
C ASP A 288 -35.27 17.06 3.17
N TRP A 289 -35.43 16.08 4.05
CA TRP A 289 -35.82 14.75 3.59
C TRP A 289 -37.28 14.67 3.13
N GLY A 290 -37.99 15.78 3.25
CA GLY A 290 -39.37 15.83 2.78
C GLY A 290 -40.50 15.53 3.75
N SER A 291 -40.33 15.90 5.02
CA SER A 291 -41.36 15.66 6.02
C SER A 291 -40.80 15.89 7.42
N PRO A 292 -41.60 16.51 8.31
CA PRO A 292 -41.16 16.79 9.68
C PRO A 292 -40.60 15.55 10.39
N VAL A 293 -41.19 14.40 10.11
CA VAL A 293 -40.79 13.15 10.72
C VAL A 293 -39.41 12.67 10.27
N GLN A 294 -39.17 12.66 8.96
CA GLN A 294 -37.88 12.23 8.44
C GLN A 294 -36.76 13.16 8.89
N ASN A 295 -37.03 14.46 8.92
CA ASN A 295 -36.03 15.42 9.36
C ASN A 295 -35.81 15.26 10.86
N MET A 296 -36.86 14.83 11.56
CA MET A 296 -36.79 14.61 13.02
C MET A 296 -35.80 13.48 13.24
N MET A 297 -36.00 12.43 12.46
CA MET A 297 -35.17 11.24 12.50
C MET A 297 -33.74 11.53 12.07
N HIS A 298 -33.51 12.72 11.53
CA HIS A 298 -32.17 13.09 11.08
C HIS A 298 -31.56 14.26 11.84
N TYR A 299 -32.38 15.23 12.20
CA TYR A 299 -31.88 16.42 12.90
C TYR A 299 -32.53 16.65 14.25
N HIS A 300 -33.53 15.86 14.57
CA HIS A 300 -34.26 16.01 15.83
C HIS A 300 -35.01 17.34 15.82
N GLN A 301 -35.14 17.89 14.62
CA GLN A 301 -35.84 19.16 14.40
C GLN A 301 -36.80 18.87 13.26
N SER A 302 -37.66 19.83 12.95
CA SER A 302 -38.61 19.65 11.85
C SER A 302 -38.01 20.24 10.57
N MET A 303 -37.09 21.17 10.74
CA MET A 303 -36.42 21.85 9.63
C MET A 303 -34.92 21.54 9.66
N PRO A 304 -34.35 21.09 8.54
CA PRO A 304 -32.92 20.80 8.57
C PRO A 304 -32.15 22.00 9.13
N PRO A 305 -31.08 21.74 9.90
CA PRO A 305 -30.26 22.79 10.52
C PRO A 305 -29.44 23.57 9.52
N TYR A 306 -29.19 24.83 9.83
CA TYR A 306 -28.39 25.66 8.94
C TYR A 306 -26.93 25.49 9.27
N TYR A 307 -26.08 25.58 8.25
CA TYR A 307 -24.64 25.47 8.45
C TYR A 307 -24.10 26.86 8.69
N ASN A 308 -23.14 26.97 9.61
CA ASN A 308 -22.58 28.27 9.95
C ASN A 308 -21.13 28.42 9.50
N LEU A 309 -20.90 29.22 8.47
CA LEU A 309 -19.54 29.46 8.00
C LEU A 309 -18.76 30.20 9.09
N THR A 310 -19.50 30.86 9.98
CA THR A 310 -18.90 31.62 11.06
C THR A 310 -18.22 30.67 12.06
N ASP A 311 -18.58 29.39 12.00
CA ASP A 311 -17.98 28.40 12.89
C ASP A 311 -16.90 27.61 12.19
N MET A 312 -16.57 27.99 10.97
CA MET A 312 -15.52 27.31 10.24
C MET A 312 -14.27 28.15 10.51
N HIS A 313 -13.56 27.82 11.58
CA HIS A 313 -12.38 28.57 11.97
C HIS A 313 -11.06 28.12 11.38
N VAL A 314 -11.10 27.18 10.46
CA VAL A 314 -9.86 26.71 9.87
C VAL A 314 -9.29 27.80 8.95
N PRO A 315 -7.98 28.09 9.06
CA PRO A 315 -7.37 29.12 8.20
C PRO A 315 -7.70 28.74 6.77
N ILE A 316 -8.34 29.65 6.04
CA ILE A 316 -8.75 29.36 4.67
C ILE A 316 -8.28 30.37 3.63
N ALA A 317 -7.81 29.83 2.51
CA ALA A 317 -7.35 30.66 1.39
C ALA A 317 -8.33 30.40 0.27
N VAL A 318 -8.92 31.46 -0.26
CA VAL A 318 -9.91 31.32 -1.32
C VAL A 318 -9.50 31.88 -2.67
N TRP A 319 -9.90 31.15 -3.71
CA TRP A 319 -9.67 31.52 -5.11
C TRP A 319 -11.00 31.31 -5.81
N ASN A 320 -11.55 32.35 -6.41
CA ASN A 320 -12.81 32.23 -7.13
C ASN A 320 -12.66 32.98 -8.44
N GLY A 321 -13.49 32.63 -9.42
CA GLY A 321 -13.43 33.26 -10.73
C GLY A 321 -14.48 34.33 -11.01
N GLY A 322 -14.04 35.41 -11.65
CA GLY A 322 -14.96 36.48 -11.97
C GLY A 322 -15.99 36.03 -12.98
N ASN A 323 -15.69 34.96 -13.71
CA ASN A 323 -16.60 34.44 -14.72
C ASN A 323 -17.21 33.10 -14.35
N ASP A 324 -17.01 32.67 -13.11
CA ASP A 324 -17.58 31.42 -12.65
C ASP A 324 -19.11 31.65 -12.59
N LEU A 325 -19.88 30.70 -13.11
CA LEU A 325 -21.32 30.82 -13.11
C LEU A 325 -21.98 30.03 -11.98
N LEU A 326 -21.20 29.17 -11.32
CA LEU A 326 -21.66 28.32 -10.23
C LEU A 326 -21.22 28.93 -8.92
N ALA A 327 -19.90 29.03 -8.75
CA ALA A 327 -19.35 29.65 -7.56
C ALA A 327 -19.21 31.12 -7.98
N ASP A 328 -20.36 31.73 -8.28
CA ASP A 328 -20.43 33.12 -8.72
C ASP A 328 -19.85 34.07 -7.69
N PRO A 329 -19.36 35.24 -8.14
CA PRO A 329 -18.78 36.20 -7.21
C PRO A 329 -19.73 36.62 -6.08
N HIS A 330 -21.01 36.80 -6.37
CA HIS A 330 -21.94 37.22 -5.33
C HIS A 330 -22.03 36.23 -4.16
N ASP A 331 -22.21 34.95 -4.46
CA ASP A 331 -22.30 33.92 -3.42
C ASP A 331 -20.96 33.81 -2.70
N VAL A 332 -19.87 33.86 -3.47
CA VAL A 332 -18.54 33.80 -2.89
C VAL A 332 -18.31 34.96 -1.94
N ASP A 333 -18.68 36.17 -2.36
CA ASP A 333 -18.51 37.36 -1.51
C ASP A 333 -19.27 37.27 -0.20
N LEU A 334 -20.48 36.68 -0.22
CA LEU A 334 -21.27 36.52 0.99
C LEU A 334 -20.55 35.51 1.88
N LEU A 335 -19.91 34.54 1.24
CA LEU A 335 -19.18 33.51 1.94
C LEU A 335 -17.94 34.09 2.60
N LEU A 336 -17.28 35.00 1.90
CA LEU A 336 -16.07 35.62 2.42
C LEU A 336 -16.36 36.51 3.62
N SER A 337 -17.53 37.15 3.62
CA SER A 337 -17.91 38.05 4.70
C SER A 337 -18.26 37.32 6.00
N LYS A 338 -18.34 36.00 5.93
CA LYS A 338 -18.66 35.22 7.12
C LYS A 338 -17.44 34.50 7.69
N LEU A 339 -16.60 33.94 6.81
CA LEU A 339 -15.42 33.21 7.24
C LEU A 339 -14.57 33.96 8.28
N PRO A 340 -14.49 33.41 9.50
CA PRO A 340 -13.74 33.99 10.62
C PRO A 340 -12.22 34.08 10.48
N ASN A 341 -11.60 33.12 9.81
CA ASN A 341 -10.14 33.13 9.68
C ASN A 341 -9.63 33.08 8.24
N LEU A 342 -10.06 34.05 7.45
CA LEU A 342 -9.65 34.18 6.05
C LEU A 342 -8.19 34.64 6.04
N ILE A 343 -7.31 33.80 5.52
CA ILE A 343 -5.91 34.19 5.47
C ILE A 343 -5.55 34.67 4.08
N TYR A 344 -6.36 34.29 3.09
CA TYR A 344 -6.07 34.70 1.73
C TYR A 344 -7.31 34.75 0.85
N HIS A 345 -7.29 35.66 -0.12
CA HIS A 345 -8.39 35.76 -1.09
C HIS A 345 -7.84 36.36 -2.35
N ARG A 346 -8.07 35.67 -3.45
CA ARG A 346 -7.61 36.12 -4.74
C ARG A 346 -8.72 35.84 -5.72
N LYS A 347 -9.23 36.89 -6.34
CA LYS A 347 -10.26 36.71 -7.34
C LYS A 347 -9.57 36.82 -8.70
N ILE A 348 -9.61 35.76 -9.49
CA ILE A 348 -9.02 35.79 -10.82
C ILE A 348 -10.18 36.14 -11.77
N PRO A 349 -10.23 37.41 -12.23
CA PRO A 349 -11.28 37.93 -13.13
C PRO A 349 -11.76 37.07 -14.30
N PRO A 350 -10.85 36.60 -15.18
CA PRO A 350 -11.28 35.79 -16.32
C PRO A 350 -11.63 34.35 -16.04
N TYR A 351 -11.21 33.85 -14.89
CA TYR A 351 -11.45 32.45 -14.53
C TYR A 351 -12.91 32.05 -14.45
N ASN A 352 -13.21 30.87 -14.98
CA ASN A 352 -14.56 30.33 -14.94
C ASN A 352 -14.48 29.20 -13.91
N HIS A 353 -15.54 28.43 -13.76
CA HIS A 353 -15.55 27.36 -12.78
C HIS A 353 -14.62 26.18 -13.00
N LEU A 354 -14.45 25.76 -14.25
CA LEU A 354 -13.58 24.61 -14.53
C LEU A 354 -12.10 24.97 -14.58
N ASP A 355 -11.79 26.26 -14.72
CA ASP A 355 -10.40 26.66 -14.80
C ASP A 355 -9.60 26.25 -13.59
N PHE A 356 -10.20 26.31 -12.42
CA PHE A 356 -9.48 25.95 -11.21
C PHE A 356 -8.88 24.54 -11.25
N ILE A 357 -9.47 23.65 -12.05
CA ILE A 357 -8.91 22.31 -12.15
C ILE A 357 -8.27 22.06 -13.52
N TRP A 358 -8.70 22.78 -14.55
CA TRP A 358 -8.16 22.59 -15.90
C TRP A 358 -7.54 23.78 -16.65
N ALA A 359 -7.69 25.00 -16.13
CA ALA A 359 -7.11 26.16 -16.81
C ALA A 359 -5.66 25.89 -17.19
N MET A 360 -5.30 26.13 -18.45
CA MET A 360 -3.94 25.89 -18.88
C MET A 360 -2.93 26.74 -18.12
N ASP A 361 -3.40 27.87 -17.57
CA ASP A 361 -2.52 28.75 -16.81
C ASP A 361 -2.76 28.65 -15.31
N ALA A 362 -3.44 27.57 -14.89
CA ALA A 362 -3.72 27.35 -13.48
C ALA A 362 -2.46 27.43 -12.61
N PRO A 363 -1.31 26.90 -13.10
CA PRO A 363 -0.10 26.97 -12.28
C PRO A 363 0.24 28.41 -11.86
N GLN A 364 0.34 29.31 -12.83
CA GLN A 364 0.65 30.70 -12.57
C GLN A 364 -0.47 31.42 -11.85
N ALA A 365 -1.71 31.10 -12.20
CA ALA A 365 -2.85 31.75 -11.59
C ALA A 365 -3.20 31.28 -10.19
N VAL A 366 -3.08 29.98 -9.93
CA VAL A 366 -3.45 29.45 -8.63
C VAL A 366 -2.50 28.48 -7.96
N TYR A 367 -2.17 27.39 -8.65
CA TYR A 367 -1.33 26.35 -8.10
C TYR A 367 0.00 26.79 -7.48
N ASN A 368 0.75 27.63 -8.18
CA ASN A 368 2.03 28.08 -7.64
C ASN A 368 1.83 28.84 -6.35
N GLU A 369 0.71 29.54 -6.24
CA GLU A 369 0.45 30.29 -5.04
C GLU A 369 0.11 29.33 -3.90
N ILE A 370 -0.53 28.21 -4.24
CA ILE A 370 -0.88 27.22 -3.23
C ILE A 370 0.39 26.53 -2.75
N VAL A 371 1.29 26.23 -3.68
CA VAL A 371 2.55 25.59 -3.33
C VAL A 371 3.31 26.52 -2.41
N SER A 372 3.37 27.79 -2.79
CA SER A 372 4.05 28.82 -2.01
C SER A 372 3.46 28.90 -0.60
N MET A 373 2.14 29.02 -0.53
CA MET A 373 1.46 29.12 0.75
C MET A 373 1.60 27.90 1.65
N MET A 374 1.54 26.71 1.06
CA MET A 374 1.69 25.48 1.82
C MET A 374 3.14 25.37 2.30
N GLY A 375 4.06 25.91 1.51
CA GLY A 375 5.47 25.86 1.86
C GLY A 375 5.83 26.63 3.13
N THR A 376 5.12 27.73 3.37
CA THR A 376 5.35 28.55 4.54
C THR A 376 4.26 28.27 5.58
N ASP A 377 3.94 26.99 5.74
CA ASP A 377 2.92 26.56 6.69
C ASP A 377 3.48 25.53 7.68
N ALA B 1 -7.53 -45.06 17.48
CA ALA B 1 -8.26 -43.79 17.74
C ALA B 1 -7.79 -42.69 16.79
N PHE B 2 -6.73 -41.98 17.19
CA PHE B 2 -6.17 -40.90 16.38
C PHE B 2 -7.20 -39.83 16.03
N GLY B 3 -7.91 -39.32 17.04
CA GLY B 3 -8.92 -38.31 16.79
C GLY B 3 -8.34 -36.91 16.76
N LYS B 4 -9.00 -36.02 16.01
CA LYS B 4 -8.55 -34.63 15.89
C LYS B 4 -8.42 -33.99 17.26
N LEU B 5 -7.20 -33.56 17.56
CA LEU B 5 -6.87 -32.93 18.83
C LEU B 5 -7.46 -31.53 18.98
N HIS B 6 -7.66 -30.85 17.85
CA HIS B 6 -8.21 -29.50 17.86
C HIS B 6 -8.80 -29.19 16.50
N PRO B 7 -9.77 -28.25 16.45
CA PRO B 7 -10.33 -27.93 15.12
C PRO B 7 -9.26 -27.23 14.28
N THR B 8 -9.28 -27.43 12.97
CA THR B 8 -8.28 -26.82 12.10
C THR B 8 -8.04 -25.33 12.34
N ASN B 9 -6.77 -24.96 12.54
CA ASN B 9 -6.40 -23.58 12.77
C ASN B 9 -6.65 -22.73 11.50
N PRO B 10 -7.30 -21.57 11.67
CA PRO B 10 -7.59 -20.71 10.54
C PRO B 10 -6.35 -20.41 9.70
N GLU B 11 -5.22 -20.23 10.38
CA GLU B 11 -3.97 -19.91 9.70
C GLU B 11 -3.53 -20.91 8.63
N VAL B 12 -4.01 -22.14 8.73
CA VAL B 12 -3.65 -23.18 7.78
C VAL B 12 -3.95 -22.83 6.31
N THR B 13 -4.96 -22.00 6.08
CA THR B 13 -5.33 -21.63 4.72
C THR B 13 -5.11 -20.18 4.33
N MET B 14 -4.53 -19.39 5.24
CA MET B 14 -4.31 -17.98 4.96
C MET B 14 -2.92 -17.71 4.41
N ASN B 15 -2.78 -16.66 3.61
CA ASN B 15 -1.50 -16.28 3.07
C ASN B 15 -0.90 -15.35 4.10
N ILE B 16 0.30 -14.85 3.87
CA ILE B 16 0.97 -13.98 4.84
C ILE B 16 0.14 -12.83 5.42
N SER B 17 -0.43 -11.98 4.58
CA SER B 17 -1.23 -10.87 5.06
C SER B 17 -2.55 -11.26 5.70
N GLN B 18 -3.02 -12.47 5.45
CA GLN B 18 -4.28 -12.90 6.06
C GLN B 18 -3.98 -13.27 7.52
N MET B 19 -2.81 -13.85 7.74
CA MET B 19 -2.40 -14.24 9.08
C MET B 19 -2.14 -12.99 9.91
N ILE B 20 -1.56 -11.98 9.28
CA ILE B 20 -1.25 -10.76 9.99
C ILE B 20 -2.52 -10.03 10.43
N THR B 21 -3.47 -9.83 9.50
CA THR B 21 -4.68 -9.13 9.89
C THR B 21 -5.55 -10.02 10.77
N TYR B 22 -5.29 -11.32 10.72
CA TYR B 22 -6.03 -12.27 11.54
C TYR B 22 -5.78 -11.99 13.04
N TRP B 23 -4.53 -11.67 13.38
CA TRP B 23 -4.17 -11.36 14.75
C TRP B 23 -4.42 -9.88 15.07
N GLY B 24 -5.06 -9.18 14.13
CA GLY B 24 -5.37 -7.79 14.35
C GLY B 24 -4.28 -6.78 14.09
N TYR B 25 -3.18 -7.23 13.50
CA TYR B 25 -2.08 -6.31 13.21
C TYR B 25 -2.24 -5.76 11.79
N PRO B 26 -1.62 -4.60 11.54
CA PRO B 26 -1.72 -4.01 10.21
C PRO B 26 -0.88 -4.81 9.22
N ALA B 27 -1.47 -5.18 8.09
CA ALA B 27 -0.76 -5.94 7.09
C ALA B 27 -0.65 -5.13 5.78
N GLU B 28 0.52 -5.20 5.15
CA GLU B 28 0.73 -4.48 3.90
C GLU B 28 1.55 -5.31 2.92
N GLU B 29 1.05 -5.50 1.71
CA GLU B 29 1.76 -6.28 0.72
C GLU B 29 2.50 -5.41 -0.29
N TYR B 30 3.62 -5.93 -0.77
CA TYR B 30 4.42 -5.24 -1.75
C TYR B 30 5.14 -6.30 -2.54
N GLU B 31 5.81 -5.90 -3.60
CA GLU B 31 6.58 -6.87 -4.34
C GLU B 31 7.79 -6.22 -4.97
N VAL B 32 8.93 -6.86 -4.74
CA VAL B 32 10.21 -6.40 -5.23
C VAL B 32 10.50 -7.07 -6.57
N VAL B 33 11.28 -6.41 -7.40
CA VAL B 33 11.63 -6.98 -8.69
C VAL B 33 13.15 -7.00 -8.71
N THR B 34 13.72 -8.20 -8.75
CA THR B 34 15.17 -8.33 -8.77
C THR B 34 15.72 -7.92 -10.11
N GLU B 35 16.94 -7.43 -10.08
CA GLU B 35 17.63 -6.99 -11.28
C GLU B 35 17.48 -8.03 -12.38
N ASP B 36 17.60 -9.32 -12.02
CA ASP B 36 17.49 -10.38 -13.00
C ASP B 36 16.07 -10.82 -13.30
N GLY B 37 15.10 -9.99 -12.94
CA GLY B 37 13.70 -10.28 -13.25
C GLY B 37 12.76 -11.02 -12.32
N TYR B 38 13.21 -11.44 -11.13
CA TYR B 38 12.30 -12.15 -10.24
C TYR B 38 11.42 -11.22 -9.42
N ILE B 39 10.17 -11.61 -9.25
CA ILE B 39 9.18 -10.82 -8.51
C ILE B 39 8.92 -11.43 -7.13
N LEU B 40 9.42 -10.77 -6.10
CA LEU B 40 9.27 -11.26 -4.72
C LEU B 40 8.18 -10.55 -3.95
N GLY B 41 7.24 -11.32 -3.43
CA GLY B 41 6.16 -10.73 -2.66
C GLY B 41 6.64 -10.61 -1.23
N ILE B 42 6.81 -9.39 -0.75
CA ILE B 42 7.26 -9.19 0.62
C ILE B 42 6.12 -8.56 1.41
N ASP B 43 6.13 -8.75 2.71
CA ASP B 43 5.06 -8.22 3.54
C ASP B 43 5.56 -7.29 4.61
N ARG B 44 4.67 -6.45 5.11
CA ARG B 44 5.03 -5.47 6.13
C ARG B 44 3.98 -5.33 7.20
N ILE B 45 4.44 -5.04 8.41
CA ILE B 45 3.60 -4.81 9.58
C ILE B 45 4.19 -3.49 10.07
N PRO B 46 3.68 -2.36 9.57
CA PRO B 46 4.13 -1.01 9.91
C PRO B 46 4.17 -0.68 11.40
N TYR B 47 3.15 -1.14 12.13
CA TYR B 47 3.10 -0.92 13.57
C TYR B 47 2.44 -2.11 14.23
N GLY B 48 2.54 -2.18 15.56
CA GLY B 48 1.95 -3.28 16.28
C GLY B 48 0.67 -2.89 16.99
N ARG B 49 0.00 -3.88 17.58
CA ARG B 49 -1.24 -3.67 18.31
C ARG B 49 -0.94 -2.93 19.61
N LYS B 50 0.33 -3.00 20.03
CA LYS B 50 0.77 -2.37 21.27
C LYS B 50 1.74 -1.19 21.11
N ASN B 51 2.01 -0.79 19.87
CA ASN B 51 2.93 0.32 19.64
C ASN B 51 2.73 0.97 18.27
N SER B 52 2.24 2.20 18.27
CA SER B 52 1.96 2.97 17.06
C SER B 52 2.79 4.25 17.02
N GLU B 53 3.81 4.30 17.86
CA GLU B 53 4.68 5.46 17.95
C GLU B 53 5.41 5.76 16.65
N ASN B 54 6.01 6.94 16.56
CA ASN B 54 6.79 7.36 15.41
C ASN B 54 6.37 6.92 14.01
N ILE B 55 5.08 6.82 13.73
CA ILE B 55 4.64 6.39 12.40
C ILE B 55 5.39 7.22 11.35
N GLY B 56 6.08 6.55 10.44
CA GLY B 56 6.83 7.25 9.42
C GLY B 56 8.27 7.44 9.83
N ARG B 57 8.60 6.99 11.04
CA ARG B 57 9.96 7.11 11.56
C ARG B 57 10.36 5.85 12.30
N ARG B 58 9.42 4.92 12.44
CA ARG B 58 9.67 3.65 13.14
C ARG B 58 10.88 2.93 12.55
N PRO B 59 11.80 2.49 13.42
CA PRO B 59 12.99 1.78 12.94
C PRO B 59 12.59 0.49 12.22
N VAL B 60 13.21 0.24 11.07
CA VAL B 60 12.92 -0.94 10.27
C VAL B 60 13.62 -2.22 10.74
N ALA B 61 12.86 -3.31 10.73
CA ALA B 61 13.36 -4.62 11.11
C ALA B 61 12.95 -5.55 9.98
N PHE B 62 13.94 -6.08 9.28
CA PHE B 62 13.71 -7.00 8.18
C PHE B 62 14.05 -8.43 8.59
N LEU B 63 13.08 -9.31 8.48
CA LEU B 63 13.26 -10.72 8.83
C LEU B 63 13.36 -11.59 7.59
N GLN B 64 14.49 -12.28 7.46
CA GLN B 64 14.74 -13.16 6.33
C GLN B 64 14.66 -14.63 6.73
N HIS B 65 13.75 -15.38 6.11
CA HIS B 65 13.60 -16.80 6.40
C HIS B 65 14.71 -17.58 5.69
N GLY B 66 14.70 -18.90 5.86
CA GLY B 66 15.71 -19.74 5.25
C GLY B 66 15.19 -20.68 4.18
N LEU B 67 15.99 -21.71 3.88
CA LEU B 67 15.67 -22.71 2.86
C LEU B 67 14.31 -23.41 3.02
N LEU B 68 13.58 -23.49 1.90
CA LEU B 68 12.27 -24.13 1.82
C LEU B 68 11.24 -23.55 2.78
N ALA B 69 11.47 -22.31 3.21
CA ALA B 69 10.56 -21.65 4.13
C ALA B 69 10.04 -20.36 3.50
N SER B 70 9.30 -19.56 4.28
CA SER B 70 8.76 -18.31 3.79
C SER B 70 8.67 -17.31 4.91
N ALA B 71 8.03 -16.18 4.64
CA ALA B 71 7.88 -15.14 5.65
C ALA B 71 6.95 -15.55 6.79
N THR B 72 6.01 -16.46 6.54
CA THR B 72 5.10 -16.88 7.61
C THR B 72 5.89 -17.44 8.80
N ASN B 73 7.14 -17.81 8.55
CA ASN B 73 8.03 -18.33 9.58
C ASN B 73 8.13 -17.41 10.78
N TRP B 74 7.94 -16.12 10.56
CA TRP B 74 8.05 -15.13 11.62
C TRP B 74 6.73 -14.73 12.25
N ILE B 75 5.64 -15.31 11.75
CA ILE B 75 4.30 -15.02 12.26
C ILE B 75 3.53 -16.34 12.39
N SER B 76 4.28 -17.43 12.52
CA SER B 76 3.72 -18.77 12.62
C SER B 76 2.96 -19.12 13.87
N ASN B 77 3.04 -18.28 14.90
CA ASN B 77 2.32 -18.59 16.14
C ASN B 77 1.44 -17.50 16.72
N LEU B 78 1.63 -17.18 18.00
CA LEU B 78 0.84 -16.13 18.65
C LEU B 78 1.58 -14.79 18.58
N PRO B 79 0.84 -13.69 18.68
CA PRO B 79 1.45 -12.36 18.65
C PRO B 79 2.50 -12.20 19.74
N ASN B 80 2.35 -12.96 20.82
CA ASN B 80 3.24 -12.88 21.96
C ASN B 80 4.47 -13.78 21.88
N ASN B 81 4.54 -14.64 20.87
CA ASN B 81 5.68 -15.52 20.74
C ASN B 81 6.17 -15.67 19.31
N SER B 82 5.76 -14.75 18.45
CA SER B 82 6.19 -14.73 17.06
C SER B 82 7.00 -13.43 16.94
N LEU B 83 8.26 -13.55 16.54
CA LEU B 83 9.14 -12.38 16.43
C LEU B 83 8.53 -11.18 15.73
N ALA B 84 7.98 -11.38 14.53
CA ALA B 84 7.40 -10.28 13.77
C ALA B 84 6.39 -9.45 14.56
N PHE B 85 5.48 -10.11 15.28
CA PHE B 85 4.49 -9.37 16.08
C PHE B 85 5.18 -8.68 17.24
N ILE B 86 6.08 -9.38 17.88
CA ILE B 86 6.79 -8.83 19.01
C ILE B 86 7.58 -7.56 18.59
N LEU B 87 8.24 -7.60 17.44
CA LEU B 87 8.98 -6.41 16.98
C LEU B 87 8.04 -5.24 16.72
N ALA B 88 6.88 -5.53 16.16
CA ALA B 88 5.90 -4.50 15.90
C ALA B 88 5.45 -3.90 17.23
N ASP B 89 5.09 -4.75 18.19
CA ASP B 89 4.65 -4.25 19.48
C ASP B 89 5.78 -3.59 20.26
N ALA B 90 7.00 -3.80 19.80
CA ALA B 90 8.14 -3.22 20.49
C ALA B 90 8.47 -1.85 19.91
N GLY B 91 7.72 -1.45 18.90
CA GLY B 91 7.92 -0.15 18.29
C GLY B 91 8.58 -0.16 16.92
N TYR B 92 8.68 -1.33 16.31
CA TYR B 92 9.33 -1.40 15.00
C TYR B 92 8.40 -1.52 13.81
N ASP B 93 8.96 -1.17 12.66
CA ASP B 93 8.28 -1.25 11.37
C ASP B 93 8.90 -2.52 10.80
N VAL B 94 8.14 -3.61 10.89
CA VAL B 94 8.62 -4.93 10.47
C VAL B 94 8.34 -5.35 9.05
N TRP B 95 9.40 -5.80 8.37
CA TRP B 95 9.28 -6.28 7.00
C TRP B 95 9.70 -7.73 6.94
N LEU B 96 8.94 -8.52 6.18
CA LEU B 96 9.22 -9.94 6.04
C LEU B 96 9.53 -10.29 4.59
N GLY B 97 10.79 -10.65 4.32
CA GLY B 97 11.16 -10.99 2.95
C GLY B 97 10.79 -12.42 2.55
N ASN B 98 10.92 -12.70 1.26
CA ASN B 98 10.65 -14.02 0.67
C ASN B 98 11.64 -14.29 -0.46
N SER B 99 12.36 -15.40 -0.37
CA SER B 99 13.35 -15.76 -1.38
C SER B 99 12.72 -16.29 -2.67
N ARG B 100 13.31 -15.90 -3.80
CA ARG B 100 12.84 -16.34 -5.11
C ARG B 100 12.61 -17.84 -5.08
N GLY B 101 11.50 -18.27 -5.66
CA GLY B 101 11.18 -19.68 -5.71
C GLY B 101 10.15 -20.16 -4.72
N ASN B 102 9.98 -19.46 -3.60
CA ASN B 102 9.00 -19.95 -2.64
C ASN B 102 7.57 -19.58 -3.00
N THR B 103 6.65 -20.03 -2.17
CA THR B 103 5.23 -19.80 -2.37
C THR B 103 4.87 -18.41 -2.87
N TRP B 104 5.56 -17.39 -2.35
CA TRP B 104 5.21 -16.03 -2.76
C TRP B 104 6.25 -15.23 -3.49
N ALA B 105 7.22 -15.90 -4.06
CA ALA B 105 8.27 -15.24 -4.82
C ALA B 105 8.59 -16.18 -5.94
N ARG B 106 7.55 -16.62 -6.64
CA ARG B 106 7.69 -17.57 -7.73
C ARG B 106 7.18 -17.04 -9.07
N ARG B 107 7.61 -15.83 -9.42
CA ARG B 107 7.21 -15.23 -10.68
C ARG B 107 8.33 -14.36 -11.24
N ASN B 108 8.67 -14.57 -12.50
CA ASN B 108 9.74 -13.83 -13.16
C ASN B 108 9.16 -13.02 -14.33
N LEU B 109 9.82 -11.93 -14.70
CA LEU B 109 9.37 -11.09 -15.80
C LEU B 109 9.59 -11.74 -17.15
N TYR B 110 10.75 -12.38 -17.28
CA TYR B 110 11.16 -13.01 -18.53
C TYR B 110 10.89 -14.50 -18.65
N TYR B 111 10.95 -15.25 -17.56
CA TYR B 111 10.71 -16.68 -17.67
C TYR B 111 9.47 -17.18 -16.96
N SER B 112 9.02 -18.35 -17.39
CA SER B 112 7.84 -18.98 -16.81
C SER B 112 8.24 -19.84 -15.62
N PRO B 113 7.34 -19.97 -14.64
CA PRO B 113 7.67 -20.79 -13.48
C PRO B 113 7.98 -22.22 -13.94
N ASP B 114 7.45 -22.57 -15.11
CA ASP B 114 7.64 -23.91 -15.67
C ASP B 114 8.92 -24.09 -16.49
N SER B 115 9.67 -23.01 -16.71
CA SER B 115 10.90 -23.09 -17.49
C SER B 115 12.10 -23.51 -16.63
N VAL B 116 13.05 -24.16 -17.26
CA VAL B 116 14.26 -24.61 -16.59
C VAL B 116 15.11 -23.43 -16.16
N GLU B 117 15.10 -22.38 -16.97
CA GLU B 117 15.88 -21.19 -16.69
C GLU B 117 15.40 -20.47 -15.43
N PHE B 118 14.10 -20.56 -15.18
CA PHE B 118 13.48 -19.92 -14.01
C PHE B 118 14.08 -20.41 -12.70
N TRP B 119 14.38 -21.71 -12.63
CA TRP B 119 14.94 -22.29 -11.42
C TRP B 119 16.46 -22.45 -11.46
N ALA B 120 17.11 -21.67 -12.32
CA ALA B 120 18.56 -21.74 -12.44
C ALA B 120 19.18 -20.77 -11.44
N PHE B 121 18.89 -20.98 -10.16
CA PHE B 121 19.41 -20.11 -9.12
C PHE B 121 19.60 -20.86 -7.82
N SER B 122 20.35 -20.24 -6.92
CA SER B 122 20.61 -20.81 -5.60
C SER B 122 20.68 -19.61 -4.65
N PHE B 123 21.17 -19.81 -3.45
CA PHE B 123 21.26 -18.70 -2.52
C PHE B 123 22.26 -17.64 -2.96
N ASP B 124 23.04 -17.93 -4.00
CA ASP B 124 24.01 -16.95 -4.51
C ASP B 124 23.20 -15.79 -5.09
N GLU B 125 22.22 -16.13 -5.91
CA GLU B 125 21.35 -15.16 -6.55
C GLU B 125 20.51 -14.42 -5.50
N MET B 126 20.16 -15.14 -4.44
CA MET B 126 19.37 -14.56 -3.36
C MET B 126 20.15 -13.48 -2.63
N ALA B 127 21.44 -13.73 -2.45
CA ALA B 127 22.30 -12.78 -1.75
C ALA B 127 22.61 -11.60 -2.66
N LYS B 128 22.93 -11.93 -3.91
CA LYS B 128 23.30 -10.95 -4.92
C LYS B 128 22.16 -10.10 -5.48
N TYR B 129 20.95 -10.65 -5.60
CA TYR B 129 19.83 -9.89 -6.15
C TYR B 129 18.63 -9.71 -5.22
N ASP B 130 18.17 -10.79 -4.61
CA ASP B 130 17.02 -10.73 -3.70
C ASP B 130 17.18 -9.69 -2.60
N LEU B 131 18.26 -9.82 -1.83
CA LEU B 131 18.52 -8.89 -0.73
C LEU B 131 18.63 -7.44 -1.16
N PRO B 132 19.61 -7.12 -2.03
CA PRO B 132 19.76 -5.73 -2.47
C PRO B 132 18.42 -5.14 -2.89
N ALA B 133 17.73 -5.82 -3.79
CA ALA B 133 16.44 -5.36 -4.27
C ALA B 133 15.43 -5.15 -3.15
N THR B 134 15.31 -6.12 -2.26
CA THR B 134 14.36 -6.03 -1.16
C THR B 134 14.72 -4.93 -0.15
N ILE B 135 15.97 -4.88 0.26
CA ILE B 135 16.41 -3.86 1.22
C ILE B 135 16.34 -2.47 0.61
N ASP B 136 16.74 -2.36 -0.66
CA ASP B 136 16.70 -1.08 -1.35
C ASP B 136 15.27 -0.60 -1.40
N PHE B 137 14.35 -1.51 -1.68
CA PHE B 137 12.93 -1.20 -1.76
C PHE B 137 12.40 -0.70 -0.43
N ILE B 138 12.71 -1.42 0.63
CA ILE B 138 12.23 -1.06 1.96
C ILE B 138 12.73 0.30 2.43
N LEU B 139 14.03 0.54 2.32
CA LEU B 139 14.59 1.81 2.75
C LEU B 139 14.05 2.99 1.94
N LYS B 140 13.82 2.77 0.65
CA LYS B 140 13.30 3.83 -0.22
C LYS B 140 11.85 4.16 0.12
N LYS B 141 11.13 3.13 0.56
CA LYS B 141 9.73 3.25 0.92
C LYS B 141 9.53 3.90 2.29
N THR B 142 10.27 3.41 3.26
CA THR B 142 10.20 3.87 4.63
C THR B 142 10.93 5.19 4.88
N GLY B 143 11.97 5.44 4.09
CA GLY B 143 12.75 6.66 4.25
C GLY B 143 13.83 6.54 5.30
N GLN B 144 14.08 5.32 5.78
CA GLN B 144 15.10 5.08 6.79
C GLN B 144 16.47 4.93 6.14
N ASP B 145 17.52 5.19 6.88
CA ASP B 145 18.87 5.09 6.33
C ASP B 145 19.43 3.67 6.43
N LYS B 146 19.11 3.00 7.54
CA LYS B 146 19.57 1.65 7.77
C LYS B 146 18.45 0.84 8.40
N LEU B 147 18.60 -0.47 8.45
CA LEU B 147 17.58 -1.33 9.04
C LEU B 147 18.21 -2.49 9.81
N HIS B 148 17.43 -3.09 10.69
CA HIS B 148 17.87 -4.23 11.49
C HIS B 148 17.58 -5.51 10.73
N TYR B 149 18.63 -6.28 10.43
CA TYR B 149 18.49 -7.52 9.68
C TYR B 149 18.46 -8.77 10.55
N VAL B 150 17.36 -9.52 10.47
CA VAL B 150 17.29 -10.76 11.24
C VAL B 150 17.14 -11.88 10.23
N GLY B 151 18.05 -12.83 10.27
CA GLY B 151 17.99 -13.94 9.34
C GLY B 151 17.98 -15.26 10.09
N HIS B 152 17.52 -16.31 9.43
CA HIS B 152 17.49 -17.63 10.04
C HIS B 152 17.96 -18.63 9.02
N SER B 153 18.96 -19.41 9.39
CA SER B 153 19.47 -20.44 8.50
C SER B 153 20.05 -19.80 7.23
N GLN B 154 19.56 -20.27 6.09
CA GLN B 154 19.98 -19.75 4.79
C GLN B 154 19.69 -18.26 4.80
N GLY B 155 18.80 -17.84 5.70
CA GLY B 155 18.46 -16.44 5.81
C GLY B 155 19.65 -15.63 6.28
N THR B 156 20.54 -16.28 7.02
CA THR B 156 21.74 -15.61 7.48
C THR B 156 22.80 -15.84 6.40
N THR B 157 22.71 -16.98 5.72
CA THR B 157 23.68 -17.30 4.66
C THR B 157 23.75 -16.19 3.62
N ILE B 158 22.60 -15.85 3.03
CA ILE B 158 22.55 -14.79 2.03
C ILE B 158 23.00 -13.48 2.66
N GLY B 159 22.75 -13.34 3.96
CA GLY B 159 23.15 -12.15 4.68
C GLY B 159 24.67 -12.06 4.76
N PHE B 160 25.33 -13.20 4.97
CA PHE B 160 26.80 -13.22 5.04
C PHE B 160 27.38 -12.92 3.67
N ILE B 161 26.84 -13.57 2.65
CA ILE B 161 27.31 -13.36 1.28
C ILE B 161 27.20 -11.90 0.86
N ALA B 162 26.00 -11.35 0.96
CA ALA B 162 25.74 -9.97 0.56
C ALA B 162 26.60 -8.97 1.34
N PHE B 163 26.35 -8.89 2.64
CA PHE B 163 27.06 -7.95 3.51
C PHE B 163 28.58 -8.05 3.48
N SER B 164 29.13 -9.02 2.76
CA SER B 164 30.59 -9.16 2.68
C SER B 164 31.09 -9.03 1.25
N THR B 165 30.17 -8.82 0.31
CA THR B 165 30.53 -8.70 -1.10
C THR B 165 29.95 -7.42 -1.68
N ASN B 166 29.07 -6.81 -0.91
CA ASN B 166 28.35 -5.60 -1.30
C ASN B 166 28.61 -4.55 -0.21
N PRO B 167 29.73 -3.83 -0.31
CA PRO B 167 30.06 -2.82 0.70
C PRO B 167 28.96 -1.77 0.91
N LYS B 168 28.27 -1.40 -0.18
CA LYS B 168 27.22 -0.41 -0.10
C LYS B 168 26.00 -0.90 0.67
N LEU B 169 25.59 -2.14 0.41
CA LEU B 169 24.44 -2.71 1.08
C LEU B 169 24.74 -2.89 2.55
N ALA B 170 25.89 -3.47 2.83
CA ALA B 170 26.32 -3.74 4.20
C ALA B 170 26.23 -2.50 5.10
N LYS B 171 26.60 -1.34 4.56
CA LYS B 171 26.59 -0.10 5.34
C LYS B 171 25.19 0.33 5.77
N ARG B 172 24.17 -0.28 5.19
CA ARG B 172 22.79 0.07 5.52
C ARG B 172 22.18 -0.90 6.53
N ILE B 173 23.02 -1.76 7.11
CA ILE B 173 22.60 -2.74 8.10
C ILE B 173 23.04 -2.29 9.49
N LYS B 174 22.10 -1.93 10.34
CA LYS B 174 22.42 -1.49 11.69
C LYS B 174 23.09 -2.62 12.46
N THR B 175 22.35 -3.72 12.64
CA THR B 175 22.89 -4.90 13.31
C THR B 175 22.37 -6.14 12.59
N PHE B 176 23.21 -7.17 12.55
CA PHE B 176 22.85 -8.41 11.91
C PHE B 176 22.53 -9.40 13.02
N TYR B 177 21.28 -9.86 13.08
CA TYR B 177 20.86 -10.83 14.08
C TYR B 177 20.71 -12.16 13.37
N ALA B 178 21.67 -13.05 13.59
CA ALA B 178 21.68 -14.35 12.93
C ALA B 178 21.20 -15.48 13.85
N LEU B 179 20.08 -16.09 13.50
CA LEU B 179 19.53 -17.18 14.29
C LEU B 179 19.89 -18.45 13.53
N ALA B 180 20.57 -19.37 14.21
CA ALA B 180 20.99 -20.60 13.56
C ALA B 180 21.79 -20.23 12.31
N PRO B 181 22.86 -19.45 12.48
CA PRO B 181 23.70 -19.01 11.36
C PRO B 181 24.30 -20.17 10.59
N VAL B 182 24.34 -20.05 9.27
CA VAL B 182 24.90 -21.08 8.42
C VAL B 182 25.78 -20.54 7.30
N ALA B 183 27.09 -20.79 7.39
CA ALA B 183 28.00 -20.36 6.34
C ALA B 183 28.46 -21.64 5.63
N THR B 184 28.76 -22.66 6.43
CA THR B 184 29.19 -23.95 5.91
C THR B 184 28.36 -25.03 6.60
N VAL B 185 28.26 -26.20 5.96
CA VAL B 185 27.51 -27.33 6.50
C VAL B 185 28.33 -28.61 6.33
N LYS B 186 29.54 -28.64 6.90
CA LYS B 186 30.35 -29.85 6.77
C LYS B 186 30.25 -30.77 7.97
N TYR B 187 29.50 -30.35 8.99
CA TYR B 187 29.34 -31.13 10.20
C TYR B 187 27.87 -31.21 10.63
N THR B 188 26.95 -31.13 9.69
CA THR B 188 25.54 -31.22 10.02
C THR B 188 25.26 -32.62 10.57
N GLU B 189 24.29 -32.74 11.46
CA GLU B 189 23.97 -34.02 12.07
C GLU B 189 22.69 -34.71 11.63
N THR B 190 21.88 -34.03 10.82
CA THR B 190 20.61 -34.61 10.37
C THR B 190 20.84 -35.77 9.39
N LEU B 191 20.07 -36.83 9.54
CA LEU B 191 20.18 -38.01 8.68
C LEU B 191 20.15 -37.60 7.21
N ILE B 192 19.37 -36.56 6.90
CA ILE B 192 19.27 -36.12 5.53
C ILE B 192 20.64 -35.73 4.97
N ASN B 193 21.69 -35.91 5.77
CA ASN B 193 23.07 -35.64 5.36
C ASN B 193 23.29 -36.32 4.01
N LYS B 194 23.21 -37.66 4.08
CA LYS B 194 23.42 -38.59 2.99
C LYS B 194 22.71 -38.29 1.67
N LEU B 195 21.51 -37.77 1.75
CA LEU B 195 20.76 -37.44 0.54
C LEU B 195 21.53 -36.32 -0.18
N MET B 196 22.40 -35.62 0.55
CA MET B 196 23.18 -34.52 0.02
C MET B 196 24.57 -34.91 -0.46
N LEU B 197 25.00 -36.12 -0.11
CA LEU B 197 26.31 -36.58 -0.54
C LEU B 197 26.17 -37.36 -1.83
N VAL B 198 24.93 -37.62 -2.23
CA VAL B 198 24.70 -38.34 -3.47
C VAL B 198 25.26 -37.51 -4.64
N PRO B 199 25.75 -38.17 -5.71
CA PRO B 199 26.29 -37.44 -6.85
C PRO B 199 25.28 -36.48 -7.44
N SER B 200 25.73 -35.29 -7.80
CA SER B 200 24.83 -34.29 -8.36
C SER B 200 23.96 -34.91 -9.45
N PHE B 201 24.59 -35.72 -10.30
CA PHE B 201 23.89 -36.39 -11.38
C PHE B 201 22.64 -37.14 -10.89
N LEU B 202 22.82 -37.98 -9.88
CA LEU B 202 21.73 -38.77 -9.31
C LEU B 202 20.67 -37.86 -8.71
N PHE B 203 21.13 -36.80 -8.05
CA PHE B 203 20.22 -35.85 -7.42
C PHE B 203 19.20 -35.32 -8.43
N LYS B 204 19.69 -34.91 -9.60
CA LYS B 204 18.83 -34.40 -10.67
C LYS B 204 18.01 -35.50 -11.32
N LEU B 205 18.49 -36.73 -11.19
CA LEU B 205 17.79 -37.85 -11.78
C LEU B 205 16.55 -38.10 -10.92
N ILE B 206 16.72 -38.00 -9.61
CA ILE B 206 15.62 -38.23 -8.67
C ILE B 206 14.63 -37.07 -8.62
N PHE B 207 15.15 -35.86 -8.42
CA PHE B 207 14.33 -34.67 -8.29
C PHE B 207 14.01 -33.87 -9.56
N GLY B 208 15.01 -33.60 -10.37
CA GLY B 208 14.74 -32.86 -11.58
C GLY B 208 15.64 -31.65 -11.75
N ASN B 209 15.13 -30.64 -12.43
CA ASN B 209 15.90 -29.44 -12.72
C ASN B 209 15.08 -28.17 -12.49
N LYS B 210 13.87 -28.33 -11.97
CA LYS B 210 12.99 -27.19 -11.72
C LYS B 210 12.68 -27.01 -10.24
N ILE B 211 11.39 -26.89 -9.91
CA ILE B 211 10.98 -26.69 -8.53
C ILE B 211 11.38 -27.85 -7.63
N PHE B 212 11.53 -27.55 -6.34
CA PHE B 212 11.91 -28.54 -5.32
C PHE B 212 11.00 -28.39 -4.10
N TYR B 213 10.38 -29.50 -3.73
CA TYR B 213 9.46 -29.57 -2.59
C TYR B 213 8.62 -28.35 -2.27
N PRO B 214 7.64 -28.04 -3.13
CA PRO B 214 6.78 -26.88 -2.87
C PRO B 214 5.58 -27.38 -2.06
N HIS B 215 4.62 -26.50 -1.81
CA HIS B 215 3.43 -26.88 -1.06
C HIS B 215 2.41 -27.49 -2.03
N HIS B 216 1.98 -28.72 -1.73
CA HIS B 216 1.00 -29.44 -2.56
C HIS B 216 -0.36 -29.57 -1.83
N PHE B 217 -1.34 -30.19 -2.50
CA PHE B 217 -2.66 -30.40 -1.91
C PHE B 217 -2.51 -31.43 -0.79
N PHE B 218 -1.80 -32.50 -1.11
CA PHE B 218 -1.56 -33.58 -0.17
C PHE B 218 -0.93 -33.02 1.09
N ASP B 219 -0.01 -32.08 0.92
CA ASP B 219 0.66 -31.45 2.05
C ASP B 219 -0.41 -30.95 3.00
N GLN B 220 -1.53 -30.51 2.43
CA GLN B 220 -2.65 -29.99 3.19
C GLN B 220 -3.46 -31.10 3.87
N PHE B 221 -3.66 -32.22 3.17
CA PHE B 221 -4.37 -33.34 3.76
C PHE B 221 -3.61 -33.78 5.01
N LEU B 222 -2.30 -33.96 4.87
CA LEU B 222 -1.46 -34.38 5.97
C LEU B 222 -1.43 -33.31 7.05
N ALA B 223 -1.35 -32.06 6.63
CA ALA B 223 -1.30 -30.93 7.55
C ALA B 223 -2.54 -30.82 8.41
N THR B 224 -3.71 -30.88 7.77
CA THR B 224 -4.97 -30.76 8.48
C THR B 224 -5.52 -32.07 9.03
N GLU B 225 -5.23 -33.18 8.35
CA GLU B 225 -5.74 -34.46 8.80
C GLU B 225 -4.81 -35.36 9.61
N VAL B 226 -3.51 -35.32 9.33
CA VAL B 226 -2.59 -36.17 10.08
C VAL B 226 -1.93 -35.42 11.25
N CYS B 227 -1.50 -34.18 10.97
CA CYS B 227 -0.85 -33.34 11.96
C CYS B 227 -1.79 -32.77 13.01
N SER B 228 -3.07 -33.11 12.87
CA SER B 228 -4.09 -32.62 13.80
C SER B 228 -4.61 -33.75 14.67
N ARG B 229 -4.37 -34.99 14.26
CA ARG B 229 -4.89 -36.12 15.02
C ARG B 229 -3.95 -36.60 16.11
N GLU B 230 -4.53 -37.18 17.16
CA GLU B 230 -3.82 -37.65 18.33
C GLU B 230 -2.45 -38.34 18.23
N THR B 231 -2.40 -39.54 17.70
CA THR B 231 -1.11 -40.23 17.64
C THR B 231 -0.35 -40.03 16.34
N VAL B 232 -1.03 -40.21 15.22
CA VAL B 232 -0.43 -40.05 13.90
C VAL B 232 0.24 -38.65 13.86
N ASP B 233 -0.15 -37.86 14.84
CA ASP B 233 0.32 -36.51 15.14
C ASP B 233 1.84 -36.45 15.07
N LEU B 234 2.46 -37.46 15.70
CA LEU B 234 3.91 -37.60 15.79
C LEU B 234 4.66 -37.69 14.46
N LEU B 235 4.00 -38.16 13.41
CA LEU B 235 4.67 -38.24 12.13
C LEU B 235 5.17 -36.85 11.73
N CYS B 236 4.28 -35.87 11.89
CA CYS B 236 4.62 -34.51 11.53
C CYS B 236 5.73 -33.95 12.42
N SER B 237 5.55 -34.02 13.74
CA SER B 237 6.56 -33.47 14.64
C SER B 237 7.94 -34.14 14.53
N ASN B 238 7.97 -35.47 14.41
CA ASN B 238 9.25 -36.16 14.32
C ASN B 238 9.95 -35.94 12.99
N ALA B 239 9.17 -35.59 11.97
CA ALA B 239 9.73 -35.33 10.65
C ALA B 239 10.52 -34.04 10.78
N LEU B 240 9.97 -33.13 11.58
CA LEU B 240 10.58 -31.83 11.83
C LEU B 240 11.83 -31.97 12.70
N PHE B 241 11.75 -32.83 13.71
CA PHE B 241 12.88 -33.01 14.61
C PHE B 241 14.03 -33.73 13.94
N ILE B 242 13.73 -34.68 13.06
CA ILE B 242 14.81 -35.41 12.41
C ILE B 242 15.64 -34.44 11.58
N ILE B 243 14.97 -33.39 11.12
CA ILE B 243 15.61 -32.36 10.31
C ILE B 243 16.33 -31.31 11.13
N CYS B 244 15.67 -30.84 12.20
CA CYS B 244 16.22 -29.78 13.04
C CYS B 244 16.90 -30.13 14.35
N GLY B 245 16.57 -31.28 14.92
CA GLY B 245 17.14 -31.65 16.21
C GLY B 245 15.98 -31.75 17.19
N PHE B 246 16.20 -32.41 18.32
CA PHE B 246 15.12 -32.60 19.26
C PHE B 246 14.99 -31.68 20.46
N ASP B 247 13.80 -31.13 20.59
CA ASP B 247 13.43 -30.23 21.67
C ASP B 247 11.93 -30.43 21.71
N THR B 248 11.55 -31.70 21.87
CA THR B 248 10.15 -32.13 21.88
C THR B 248 9.11 -31.26 22.62
N MET B 249 9.45 -30.75 23.80
CA MET B 249 8.49 -29.96 24.56
C MET B 249 8.49 -28.46 24.27
N ASN B 250 9.19 -28.04 23.22
CA ASN B 250 9.24 -26.62 22.91
C ASN B 250 8.40 -26.30 21.69
N LEU B 251 7.89 -27.34 21.04
CA LEU B 251 7.07 -27.19 19.86
C LEU B 251 5.58 -27.27 20.24
N ASN B 252 4.78 -26.34 19.73
CA ASN B 252 3.36 -26.34 20.05
C ASN B 252 2.65 -27.34 19.14
N MET B 253 2.52 -28.58 19.60
CA MET B 253 1.88 -29.66 18.83
C MET B 253 0.53 -29.29 18.22
N SER B 254 -0.19 -28.36 18.85
CA SER B 254 -1.51 -27.94 18.37
C SER B 254 -1.43 -27.02 17.17
N ARG B 255 -0.23 -26.74 16.69
CA ARG B 255 -0.08 -25.89 15.52
C ARG B 255 0.70 -26.54 14.40
N LEU B 256 0.88 -27.85 14.47
CA LEU B 256 1.62 -28.57 13.42
C LEU B 256 0.92 -28.41 12.08
N ASP B 257 -0.41 -28.33 12.13
CA ASP B 257 -1.18 -28.16 10.91
C ASP B 257 -0.77 -26.85 10.24
N VAL B 258 -0.49 -25.83 11.05
CA VAL B 258 -0.06 -24.53 10.55
C VAL B 258 1.35 -24.61 10.00
N TYR B 259 2.26 -25.22 10.74
CA TYR B 259 3.64 -25.31 10.28
C TYR B 259 3.78 -26.09 8.98
N LEU B 260 3.14 -27.25 8.90
CA LEU B 260 3.26 -28.09 7.73
C LEU B 260 2.38 -27.70 6.57
N SER B 261 1.46 -26.77 6.79
CA SER B 261 0.63 -26.36 5.67
C SER B 261 1.29 -25.11 5.08
N HIS B 262 2.45 -24.76 5.64
CA HIS B 262 3.18 -23.59 5.18
C HIS B 262 4.65 -23.90 4.89
N ASN B 263 5.08 -25.09 5.31
CA ASN B 263 6.44 -25.53 5.09
C ASN B 263 6.41 -26.96 4.60
N PRO B 264 7.21 -27.28 3.57
CA PRO B 264 8.12 -26.36 2.87
C PRO B 264 7.41 -25.43 1.87
N ALA B 265 8.06 -24.32 1.55
CA ALA B 265 7.48 -23.35 0.61
C ALA B 265 8.12 -23.43 -0.77
N GLY B 266 8.98 -24.42 -0.97
CA GLY B 266 9.63 -24.59 -2.27
C GLY B 266 10.86 -23.78 -2.54
N THR B 267 11.67 -24.29 -3.46
CA THR B 267 12.90 -23.62 -3.90
C THR B 267 13.38 -24.37 -5.14
N SER B 268 14.40 -23.83 -5.78
CA SER B 268 14.94 -24.47 -6.98
C SER B 268 15.70 -25.73 -6.64
N VAL B 269 15.74 -26.67 -7.56
CA VAL B 269 16.50 -27.88 -7.33
C VAL B 269 17.96 -27.44 -7.21
N GLN B 270 18.30 -26.41 -7.99
CA GLN B 270 19.65 -25.88 -7.99
C GLN B 270 20.10 -25.37 -6.63
N ASN B 271 19.19 -24.75 -5.90
CA ASN B 271 19.53 -24.21 -4.59
C ASN B 271 19.97 -25.32 -3.65
N VAL B 272 19.21 -26.40 -3.65
CA VAL B 272 19.52 -27.55 -2.81
C VAL B 272 20.80 -28.20 -3.31
N LEU B 273 20.97 -28.23 -4.63
CA LEU B 273 22.14 -28.82 -5.23
C LEU B 273 23.37 -28.02 -4.80
N HIS B 274 23.21 -26.71 -4.70
CA HIS B 274 24.30 -25.86 -4.26
C HIS B 274 24.61 -26.19 -2.81
N TRP B 275 23.57 -26.33 -2.00
CA TRP B 275 23.78 -26.68 -0.60
C TRP B 275 24.46 -28.03 -0.51
N SER B 276 24.13 -28.90 -1.47
CA SER B 276 24.72 -30.23 -1.51
C SER B 276 26.23 -30.12 -1.69
N GLN B 277 26.66 -29.27 -2.61
CA GLN B 277 28.07 -29.05 -2.86
C GLN B 277 28.71 -28.54 -1.59
N ALA B 278 27.91 -27.85 -0.77
CA ALA B 278 28.41 -27.31 0.48
C ALA B 278 28.68 -28.45 1.48
N VAL B 279 27.75 -29.40 1.50
CA VAL B 279 27.86 -30.55 2.39
C VAL B 279 29.06 -31.40 2.02
N LYS B 280 29.33 -31.51 0.71
CA LYS B 280 30.48 -32.29 0.26
C LYS B 280 31.78 -31.55 0.55
N SER B 281 31.92 -30.33 0.03
CA SER B 281 33.14 -29.53 0.19
C SER B 281 33.40 -29.06 1.61
N GLY B 282 32.34 -28.77 2.35
CA GLY B 282 32.48 -28.30 3.71
C GLY B 282 32.95 -26.87 3.70
N LYS B 283 32.94 -26.28 2.51
CA LYS B 283 33.38 -24.91 2.34
C LYS B 283 32.22 -23.95 2.20
N PHE B 284 32.54 -22.67 2.25
CA PHE B 284 31.56 -21.60 2.09
C PHE B 284 31.92 -20.97 0.77
N GLN B 285 31.32 -21.46 -0.32
CA GLN B 285 31.64 -20.91 -1.62
C GLN B 285 30.45 -20.89 -2.56
N ALA B 286 30.59 -20.15 -3.65
CA ALA B 286 29.53 -20.00 -4.65
C ALA B 286 29.22 -21.30 -5.37
N PHE B 287 28.15 -21.27 -6.17
CA PHE B 287 27.70 -22.43 -6.90
C PHE B 287 28.63 -22.86 -8.02
N ASP B 288 28.69 -24.16 -8.24
CA ASP B 288 29.49 -24.74 -9.31
C ASP B 288 28.43 -25.07 -10.37
N TRP B 289 28.44 -24.33 -11.47
CA TRP B 289 27.45 -24.58 -12.51
C TRP B 289 27.71 -25.84 -13.31
N GLY B 290 28.81 -26.52 -13.00
CA GLY B 290 29.14 -27.78 -13.65
C GLY B 290 30.01 -27.76 -14.89
N SER B 291 31.02 -26.89 -14.91
CA SER B 291 31.93 -26.77 -16.06
C SER B 291 32.72 -25.47 -15.98
N PRO B 292 34.01 -25.52 -16.33
CA PRO B 292 34.84 -24.30 -16.28
C PRO B 292 34.24 -23.17 -17.11
N VAL B 293 33.55 -23.52 -18.19
CA VAL B 293 32.93 -22.54 -19.07
C VAL B 293 31.78 -21.77 -18.42
N GLN B 294 30.84 -22.50 -17.81
CA GLN B 294 29.71 -21.86 -17.16
C GLN B 294 30.15 -21.05 -15.96
N ASN B 295 31.12 -21.58 -15.20
CA ASN B 295 31.62 -20.86 -14.04
C ASN B 295 32.36 -19.62 -14.54
N MET B 296 32.98 -19.73 -15.71
CA MET B 296 33.70 -18.60 -16.32
C MET B 296 32.69 -17.51 -16.59
N MET B 297 31.60 -17.91 -17.22
CA MET B 297 30.50 -17.02 -17.56
C MET B 297 29.83 -16.44 -16.32
N HIS B 298 30.18 -16.97 -15.15
CA HIS B 298 29.58 -16.50 -13.90
C HIS B 298 30.56 -15.85 -12.94
N TYR B 299 31.79 -16.34 -12.89
CA TYR B 299 32.78 -15.82 -11.96
C TYR B 299 34.04 -15.37 -12.66
N HIS B 300 34.13 -15.60 -13.96
CA HIS B 300 35.32 -15.25 -14.73
C HIS B 300 36.48 -16.11 -14.24
N GLN B 301 36.14 -17.16 -13.48
CA GLN B 301 37.10 -18.11 -12.94
C GLN B 301 36.63 -19.51 -13.32
N SER B 302 37.45 -20.51 -13.07
CA SER B 302 37.08 -21.89 -13.39
C SER B 302 36.40 -22.55 -12.20
N MET B 303 36.76 -22.06 -11.01
CA MET B 303 36.22 -22.57 -9.74
C MET B 303 35.41 -21.47 -9.06
N PRO B 304 34.18 -21.78 -8.64
CA PRO B 304 33.36 -20.77 -7.96
C PRO B 304 34.20 -20.09 -6.86
N PRO B 305 34.04 -18.78 -6.67
CA PRO B 305 34.80 -18.08 -5.64
C PRO B 305 34.34 -18.41 -4.23
N TYR B 306 35.26 -18.30 -3.28
CA TYR B 306 34.93 -18.58 -1.89
C TYR B 306 34.42 -17.33 -1.22
N TYR B 307 33.47 -17.49 -0.31
CA TYR B 307 32.93 -16.38 0.42
C TYR B 307 33.79 -16.19 1.67
N ASN B 308 34.00 -14.95 2.05
CA ASN B 308 34.85 -14.66 3.19
C ASN B 308 34.07 -14.05 4.35
N LEU B 309 33.86 -14.84 5.40
CA LEU B 309 33.13 -14.36 6.57
C LEU B 309 33.90 -13.22 7.22
N THR B 310 35.22 -13.23 7.04
CA THR B 310 36.10 -12.21 7.60
C THR B 310 35.82 -10.83 6.99
N ASP B 311 35.19 -10.81 5.83
CA ASP B 311 34.86 -9.54 5.17
C ASP B 311 33.47 -9.06 5.54
N MET B 312 32.80 -9.81 6.41
CA MET B 312 31.48 -9.46 6.85
C MET B 312 31.71 -8.63 8.11
N HIS B 313 31.84 -7.33 7.95
CA HIS B 313 32.11 -6.44 9.08
C HIS B 313 30.88 -5.85 9.76
N VAL B 314 29.69 -6.23 9.32
CA VAL B 314 28.48 -5.72 9.93
C VAL B 314 28.42 -6.22 11.38
N PRO B 315 27.96 -5.38 12.32
CA PRO B 315 27.89 -5.86 13.71
C PRO B 315 26.88 -7.01 13.76
N ILE B 316 27.35 -8.18 14.18
CA ILE B 316 26.50 -9.36 14.23
C ILE B 316 26.32 -9.98 15.63
N ALA B 317 25.10 -10.40 15.93
CA ALA B 317 24.76 -11.04 17.20
C ALA B 317 24.22 -12.40 16.78
N VAL B 318 24.78 -13.47 17.32
CA VAL B 318 24.37 -14.82 16.94
C VAL B 318 23.72 -15.66 18.04
N TRP B 319 22.74 -16.45 17.64
CA TRP B 319 22.04 -17.36 18.54
C TRP B 319 21.98 -18.69 17.81
N ASN B 320 22.63 -19.71 18.36
CA ASN B 320 22.60 -21.02 17.74
C ASN B 320 22.17 -22.05 18.78
N GLY B 321 21.67 -23.19 18.33
CA GLY B 321 21.23 -24.19 19.28
C GLY B 321 22.17 -25.37 19.47
N GLY B 322 22.31 -25.81 20.71
CA GLY B 322 23.17 -26.95 20.98
C GLY B 322 22.63 -28.21 20.34
N ASN B 323 21.32 -28.22 20.04
CA ASN B 323 20.71 -29.39 19.42
C ASN B 323 20.31 -29.22 17.97
N ASP B 324 20.80 -28.15 17.35
CA ASP B 324 20.54 -27.89 15.95
C ASP B 324 21.33 -28.96 15.15
N LEU B 325 20.68 -29.57 14.16
CA LEU B 325 21.31 -30.60 13.34
C LEU B 325 21.77 -30.05 11.98
N LEU B 326 21.34 -28.83 11.69
CA LEU B 326 21.66 -28.14 10.43
C LEU B 326 22.72 -27.08 10.68
N ALA B 327 22.40 -26.13 11.53
CA ALA B 327 23.33 -25.08 11.92
C ALA B 327 23.96 -25.66 13.18
N ASP B 328 24.58 -26.83 13.04
CA ASP B 328 25.23 -27.55 14.13
C ASP B 328 26.29 -26.73 14.84
N PRO B 329 26.51 -27.01 16.14
CA PRO B 329 27.49 -26.30 16.95
C PRO B 329 28.88 -26.16 16.30
N HIS B 330 29.38 -27.24 15.71
CA HIS B 330 30.70 -27.21 15.11
C HIS B 330 30.83 -26.19 13.97
N ASP B 331 29.96 -26.28 12.96
CA ASP B 331 29.99 -25.34 11.85
C ASP B 331 29.83 -23.89 12.35
N VAL B 332 28.95 -23.69 13.33
CA VAL B 332 28.69 -22.38 13.89
C VAL B 332 29.95 -21.87 14.59
N ASP B 333 30.64 -22.75 15.30
CA ASP B 333 31.84 -22.37 16.01
C ASP B 333 32.95 -21.94 15.07
N LEU B 334 32.99 -22.54 13.88
CA LEU B 334 33.99 -22.17 12.90
C LEU B 334 33.60 -20.82 12.31
N LEU B 335 32.30 -20.58 12.22
CA LEU B 335 31.80 -19.32 11.67
C LEU B 335 32.08 -18.21 12.67
N LEU B 336 31.83 -18.48 13.94
CA LEU B 336 32.05 -17.49 14.98
C LEU B 336 33.49 -17.02 15.05
N SER B 337 34.44 -17.95 14.89
CA SER B 337 35.86 -17.60 14.97
C SER B 337 36.34 -16.72 13.83
N LYS B 338 35.52 -16.58 12.79
CA LYS B 338 35.94 -15.75 11.67
C LYS B 338 35.36 -14.35 11.73
N LEU B 339 34.06 -14.25 12.02
CA LEU B 339 33.37 -12.97 12.09
C LEU B 339 34.18 -11.85 12.76
N PRO B 340 34.56 -10.82 11.98
CA PRO B 340 35.35 -9.67 12.46
C PRO B 340 34.68 -8.78 13.50
N ASN B 341 33.36 -8.65 13.45
CA ASN B 341 32.67 -7.76 14.38
C ASN B 341 31.53 -8.45 15.14
N LEU B 342 31.85 -9.52 15.85
CA LEU B 342 30.84 -10.25 16.61
C LEU B 342 30.53 -9.49 17.90
N ILE B 343 29.32 -8.94 18.01
CA ILE B 343 28.98 -8.16 19.20
C ILE B 343 28.29 -9.01 20.26
N TYR B 344 27.80 -10.17 19.85
CA TYR B 344 27.07 -11.02 20.78
C TYR B 344 27.01 -12.46 20.31
N HIS B 345 26.89 -13.36 21.27
CA HIS B 345 26.79 -14.77 20.99
C HIS B 345 26.10 -15.40 22.18
N ARG B 346 25.16 -16.28 21.90
CA ARG B 346 24.42 -16.96 22.94
C ARG B 346 24.08 -18.32 22.40
N LYS B 347 24.63 -19.36 23.02
CA LYS B 347 24.33 -20.73 22.59
C LYS B 347 23.26 -21.28 23.51
N ILE B 348 22.08 -21.57 22.97
CA ILE B 348 21.00 -22.11 23.76
C ILE B 348 21.10 -23.63 23.60
N PRO B 349 21.63 -24.32 24.63
CA PRO B 349 21.82 -25.78 24.65
C PRO B 349 20.68 -26.69 24.16
N PRO B 350 19.47 -26.53 24.73
CA PRO B 350 18.34 -27.37 24.32
C PRO B 350 17.74 -27.07 22.93
N TYR B 351 17.98 -25.86 22.43
CA TYR B 351 17.45 -25.43 21.16
C TYR B 351 17.88 -26.22 19.93
N ASN B 352 16.89 -26.49 19.08
CA ASN B 352 17.10 -27.20 17.84
C ASN B 352 16.93 -26.16 16.72
N HIS B 353 17.04 -26.58 15.48
CA HIS B 353 16.95 -25.63 14.39
C HIS B 353 15.64 -24.83 14.24
N LEU B 354 14.50 -25.49 14.43
CA LEU B 354 13.22 -24.81 14.28
C LEU B 354 12.82 -23.95 15.48
N ASP B 355 13.47 -24.15 16.63
CA ASP B 355 13.13 -23.39 17.83
C ASP B 355 13.25 -21.89 17.65
N PHE B 356 14.29 -21.48 16.95
CA PHE B 356 14.53 -20.06 16.71
C PHE B 356 13.35 -19.33 16.06
N ILE B 357 12.48 -20.07 15.36
CA ILE B 357 11.31 -19.44 14.73
C ILE B 357 10.01 -19.91 15.37
N TRP B 358 10.02 -21.08 16.02
CA TRP B 358 8.81 -21.64 16.63
C TRP B 358 8.81 -22.04 18.12
N ALA B 359 9.98 -22.13 18.75
CA ALA B 359 10.07 -22.52 20.15
C ALA B 359 9.07 -21.71 20.95
N MET B 360 8.26 -22.38 21.77
CA MET B 360 7.27 -21.70 22.58
C MET B 360 7.87 -20.72 23.57
N ASP B 361 9.14 -20.94 23.92
CA ASP B 361 9.83 -20.04 24.83
C ASP B 361 10.85 -19.17 24.09
N ALA B 362 10.68 -19.04 22.78
CA ALA B 362 11.60 -18.20 22.01
C ALA B 362 11.66 -16.77 22.56
N PRO B 363 10.50 -16.23 23.02
CA PRO B 363 10.56 -14.87 23.56
C PRO B 363 11.64 -14.71 24.63
N GLN B 364 11.59 -15.57 25.65
CA GLN B 364 12.55 -15.52 26.75
C GLN B 364 13.96 -15.91 26.33
N ALA B 365 14.07 -16.91 25.46
CA ALA B 365 15.38 -17.39 25.04
C ALA B 365 16.07 -16.56 23.97
N VAL B 366 15.31 -15.95 23.06
CA VAL B 366 15.96 -15.17 22.01
C VAL B 366 15.35 -13.83 21.67
N TYR B 367 14.06 -13.82 21.33
CA TYR B 367 13.40 -12.59 20.92
C TYR B 367 13.56 -11.41 21.86
N ASN B 368 13.29 -11.59 23.15
CA ASN B 368 13.40 -10.49 24.09
C ASN B 368 14.78 -9.88 24.07
N GLU B 369 15.79 -10.70 23.84
CA GLU B 369 17.16 -10.23 23.84
C GLU B 369 17.42 -9.42 22.57
N ILE B 370 16.72 -9.77 21.50
CA ILE B 370 16.85 -9.05 20.23
C ILE B 370 16.17 -7.69 20.40
N VAL B 371 14.97 -7.70 20.97
CA VAL B 371 14.24 -6.46 21.19
C VAL B 371 15.09 -5.54 22.06
N SER B 372 15.71 -6.11 23.09
CA SER B 372 16.55 -5.36 24.01
C SER B 372 17.74 -4.76 23.28
N MET B 373 18.38 -5.56 22.43
CA MET B 373 19.54 -5.09 21.68
C MET B 373 19.22 -4.08 20.59
N MET B 374 18.13 -4.30 19.87
CA MET B 374 17.73 -3.37 18.82
C MET B 374 17.37 -2.03 19.47
N GLY B 375 16.85 -2.10 20.70
CA GLY B 375 16.47 -0.89 21.40
C GLY B 375 17.63 0.03 21.72
N THR B 376 18.78 -0.56 22.04
CA THR B 376 19.97 0.20 22.37
C THR B 376 20.92 0.31 21.18
N ASP B 377 20.34 0.49 19.99
CA ASP B 377 21.11 0.62 18.76
C ASP B 377 20.91 2.00 18.13
#